data_4LS6
#
_entry.id   4LS6
#
_cell.length_a   72.069
_cell.length_b   87.974
_cell.length_c   145.054
_cell.angle_alpha   90.000
_cell.angle_beta   90.000
_cell.angle_gamma   90.000
#
_symmetry.space_group_name_H-M   'P 21 21 21'
#
loop_
_entity.id
_entity.type
_entity.pdbx_description
1 polymer '3-oxoacyl-[acyl-carrier-protein] synthase 2'
2 non-polymer 'POTASSIUM ION'
3 non-polymer GLYCEROL
4 non-polymer 'CHLORIDE ION'
5 water water
#
_entity_poly.entity_id   1
_entity_poly.type   'polypeptide(L)'
_entity_poly.pdbx_seq_one_letter_code
;MRGSHHHHHHGIQMTKKRVVVTGLGALSPLGNDVDTSWNNAINGVSGIGPITRVDAEEYPAKVAAELKDFNVEDYMDKKE
ARKMDRFTQYAVVAAKMAVEDADLNITDEIAPRVGVWVGSGFGGLETLESQFEIFLTKGPRRVSPFFVPMMIPDMATGQI
SIALGAKGVNSCTVTACATGTNSIGDAFKVIQRGDADVMVTGGTEAPLTRMSFAGFSANKALSTNPDPKTASRPFDKNRD
GFVMGEGAGIIVLEELEHALARGAKIYGEIVGYGSTGDAYHITAPAQDGEGGARAMQEAIKDAGIAPEEIDYINAHGTST
YYNDKYETMAIKTVFGEHAHKLAVSSTKSMTGHLLGAAGGIEAIFSILAIKEGVIPPTINIQTPDEECDLDYVPDEARRQ
ELNYVLSNSLGFGGHNATLIFKKYQS
;
_entity_poly.pdbx_strand_id   A,B
#
loop_
_chem_comp.id
_chem_comp.type
_chem_comp.name
_chem_comp.formula
CL non-polymer 'CHLORIDE ION' 'Cl -1'
GOL non-polymer GLYCEROL 'C3 H8 O3'
K non-polymer 'POTASSIUM ION' 'K 1'
#
# COMPACT_ATOMS: atom_id res chain seq x y z
N LYS A 16 25.64 1.28 2.42
CA LYS A 16 24.39 1.95 2.05
C LYS A 16 24.67 2.81 0.83
N LYS A 17 23.77 2.77 -0.17
CA LYS A 17 23.95 3.62 -1.34
C LYS A 17 23.39 5.02 -1.06
N ARG A 18 24.00 6.03 -1.69
CA ARG A 18 23.47 7.40 -1.62
C ARG A 18 22.39 7.50 -2.70
N VAL A 19 21.33 8.25 -2.39
CA VAL A 19 20.15 8.37 -3.23
C VAL A 19 19.87 9.82 -3.52
N VAL A 20 19.81 10.18 -4.81
CA VAL A 20 19.59 11.56 -5.20
C VAL A 20 18.31 11.72 -6.00
N VAL A 21 17.81 12.96 -6.08
CA VAL A 21 16.59 13.29 -6.83
C VAL A 21 17.02 13.82 -8.19
N THR A 22 16.61 13.12 -9.28
CA THR A 22 17.04 13.51 -10.65
C THR A 22 15.93 13.97 -11.59
N GLY A 23 14.69 13.92 -11.14
CA GLY A 23 13.57 14.35 -11.97
C GLY A 23 12.34 14.62 -11.12
N LEU A 24 11.52 15.58 -11.59
CA LEU A 24 10.30 15.96 -10.89
C LEU A 24 9.16 16.05 -11.90
N GLY A 25 7.97 15.65 -11.47
CA GLY A 25 6.77 15.68 -12.29
C GLY A 25 5.57 15.96 -11.41
N ALA A 26 4.66 16.85 -11.85
CA ALA A 26 3.51 17.17 -11.02
C ALA A 26 2.34 17.74 -11.79
N LEU A 27 1.15 17.48 -11.23
CA LEU A 27 -0.11 18.11 -11.60
C LEU A 27 -0.68 18.56 -10.27
N SER A 28 -0.99 19.87 -10.13
CA SER A 28 -1.54 20.31 -8.84
C SER A 28 -2.52 21.44 -9.08
N PRO A 29 -3.27 21.83 -8.04
CA PRO A 29 -4.20 22.97 -8.19
C PRO A 29 -3.45 24.29 -8.49
N LEU A 30 -2.10 24.30 -8.36
CA LEU A 30 -1.27 25.48 -8.65
C LEU A 30 -0.68 25.48 -10.06
N GLY A 31 -0.88 24.40 -10.81
CA GLY A 31 -0.34 24.34 -12.16
C GLY A 31 -0.24 22.92 -12.68
N ASN A 32 -0.22 22.77 -14.03
CA ASN A 32 -0.16 21.46 -14.67
C ASN A 32 1.26 21.00 -14.98
N ASP A 33 2.23 21.59 -14.31
CA ASP A 33 3.61 21.12 -14.35
C ASP A 33 4.34 21.59 -13.11
N VAL A 34 5.58 21.13 -12.90
CA VAL A 34 6.34 21.48 -11.71
C VAL A 34 6.66 22.98 -11.67
N ASP A 35 7.19 23.53 -12.77
CA ASP A 35 7.58 24.93 -12.80
C ASP A 35 6.43 25.84 -12.44
N THR A 36 5.24 25.63 -13.04
CA THR A 36 4.09 26.49 -12.78
C THR A 36 3.65 26.33 -11.33
N SER A 37 3.55 25.08 -10.84
CA SER A 37 3.11 24.82 -9.47
C SER A 37 4.06 25.54 -8.48
N TRP A 38 5.36 25.35 -8.66
CA TRP A 38 6.36 25.95 -7.77
C TRP A 38 6.37 27.47 -7.88
N ASN A 39 6.29 28.01 -9.11
CA ASN A 39 6.30 29.45 -9.25
C ASN A 39 5.07 30.06 -8.58
N ASN A 40 3.92 29.38 -8.66
CA ASN A 40 2.71 29.88 -8.02
C ASN A 40 2.88 29.79 -6.49
N ALA A 41 3.43 28.68 -5.97
CA ALA A 41 3.65 28.51 -4.53
C ALA A 41 4.55 29.59 -3.95
N ILE A 42 5.67 29.91 -4.63
CA ILE A 42 6.59 30.94 -4.13
C ILE A 42 6.06 32.36 -4.24
N ASN A 43 4.94 32.54 -4.97
CA ASN A 43 4.29 33.84 -5.09
C ASN A 43 2.97 33.89 -4.29
N GLY A 44 2.78 32.91 -3.40
CA GLY A 44 1.62 32.86 -2.51
C GLY A 44 0.27 32.77 -3.20
N VAL A 45 0.23 32.16 -4.39
CA VAL A 45 -1.01 32.04 -5.15
C VAL A 45 -1.85 30.88 -4.60
N SER A 46 -3.13 31.15 -4.33
CA SER A 46 -4.05 30.13 -3.87
C SER A 46 -4.61 29.33 -5.05
N GLY A 47 -4.71 28.02 -4.88
CA GLY A 47 -5.32 27.16 -5.89
C GLY A 47 -6.74 26.75 -5.51
N ILE A 48 -7.30 27.35 -4.47
CA ILE A 48 -8.62 27.04 -3.95
C ILE A 48 -9.70 27.91 -4.55
N GLY A 49 -10.77 27.24 -4.96
CA GLY A 49 -11.90 27.93 -5.56
C GLY A 49 -13.20 27.18 -5.30
N PRO A 50 -14.31 27.64 -5.89
CA PRO A 50 -15.59 26.94 -5.67
C PRO A 50 -15.54 25.53 -6.25
N ILE A 51 -16.26 24.58 -5.64
CA ILE A 51 -16.29 23.20 -6.14
C ILE A 51 -17.02 23.18 -7.49
N THR A 52 -16.41 22.52 -8.50
CA THR A 52 -17.04 22.36 -9.82
C THR A 52 -17.20 20.89 -10.16
N ARG A 53 -16.36 20.03 -9.55
CA ARG A 53 -16.34 18.61 -9.92
C ARG A 53 -17.61 17.88 -9.57
N VAL A 54 -18.24 18.25 -8.45
CA VAL A 54 -19.52 17.71 -7.98
C VAL A 54 -20.44 18.90 -7.67
N ASP A 55 -21.73 18.61 -7.44
CA ASP A 55 -22.71 19.62 -7.06
C ASP A 55 -22.50 19.97 -5.58
N ALA A 56 -21.95 21.17 -5.30
CA ALA A 56 -21.68 21.69 -3.95
C ALA A 56 -22.94 21.89 -3.08
N GLU A 57 -24.14 22.00 -3.68
CA GLU A 57 -25.40 22.23 -2.93
C GLU A 57 -25.69 21.14 -1.91
N GLU A 58 -25.22 19.92 -2.19
CA GLU A 58 -25.43 18.70 -1.42
C GLU A 58 -24.50 18.58 -0.20
N TYR A 59 -23.49 19.45 -0.09
CA TYR A 59 -22.53 19.30 1.00
C TYR A 59 -22.33 20.55 1.79
N PRO A 60 -21.92 20.40 3.07
CA PRO A 60 -21.58 21.58 3.85
C PRO A 60 -20.27 22.24 3.37
N ALA A 61 -19.36 21.48 2.72
CA ALA A 61 -18.11 22.03 2.17
C ALA A 61 -18.44 22.67 0.82
N LYS A 62 -17.86 23.86 0.55
CA LYS A 62 -18.21 24.61 -0.66
C LYS A 62 -17.05 24.94 -1.57
N VAL A 63 -15.82 24.68 -1.08
CA VAL A 63 -14.63 25.01 -1.85
C VAL A 63 -13.75 23.77 -2.03
N ALA A 64 -12.85 23.83 -3.02
CA ALA A 64 -11.91 22.72 -3.26
C ALA A 64 -10.71 23.25 -4.02
N ALA A 65 -9.65 22.45 -4.10
CA ALA A 65 -8.47 22.83 -4.88
C ALA A 65 -8.39 21.86 -6.06
N GLU A 66 -8.90 22.30 -7.21
CA GLU A 66 -9.00 21.46 -8.38
C GLU A 66 -7.89 21.76 -9.38
N LEU A 67 -7.62 20.80 -10.26
CA LEU A 67 -6.75 21.10 -11.39
C LEU A 67 -7.54 22.06 -12.28
N LYS A 68 -6.84 22.99 -12.92
CA LYS A 68 -7.48 23.91 -13.86
C LYS A 68 -6.96 23.67 -15.24
N ASP A 69 -7.83 23.68 -16.27
CA ASP A 69 -7.39 23.58 -17.67
C ASP A 69 -6.61 22.28 -17.96
N PHE A 70 -6.90 21.18 -17.24
CA PHE A 70 -6.16 19.94 -17.50
C PHE A 70 -6.92 19.11 -18.53
N ASN A 71 -6.30 18.87 -19.70
CA ASN A 71 -6.88 18.05 -20.75
C ASN A 71 -5.98 16.83 -20.92
N VAL A 72 -6.42 15.66 -20.41
CA VAL A 72 -5.62 14.43 -20.47
C VAL A 72 -5.20 14.08 -21.91
N GLU A 73 -6.06 14.42 -22.91
CA GLU A 73 -5.79 14.13 -24.32
C GLU A 73 -4.57 14.88 -24.89
N ASP A 74 -4.03 15.85 -24.13
CA ASP A 74 -2.81 16.54 -24.53
C ASP A 74 -1.59 15.66 -24.24
N TYR A 75 -1.79 14.56 -23.48
CA TYR A 75 -0.69 13.71 -23.03
C TYR A 75 -0.78 12.28 -23.52
N MET A 76 -1.98 11.86 -23.97
CA MET A 76 -2.20 10.47 -24.43
C MET A 76 -3.41 10.42 -25.33
N ASP A 77 -3.62 9.28 -26.03
CA ASP A 77 -4.81 9.13 -26.87
C ASP A 77 -6.05 9.02 -25.98
N LYS A 78 -7.18 9.52 -26.48
CA LYS A 78 -8.48 9.45 -25.80
C LYS A 78 -8.81 7.99 -25.45
N LYS A 79 -8.49 7.03 -26.36
CA LYS A 79 -8.76 5.62 -26.08
C LYS A 79 -8.02 5.08 -24.85
N GLU A 80 -6.79 5.58 -24.59
CA GLU A 80 -5.96 5.20 -23.45
C GLU A 80 -6.52 5.86 -22.19
N ALA A 81 -6.84 7.15 -22.27
CA ALA A 81 -7.36 7.90 -21.10
C ALA A 81 -8.71 7.35 -20.64
N ARG A 82 -9.55 6.83 -21.59
CA ARG A 82 -10.87 6.28 -21.26
C ARG A 82 -10.78 5.02 -20.40
N LYS A 83 -9.61 4.39 -20.37
CA LYS A 83 -9.35 3.18 -19.59
C LYS A 83 -8.56 3.49 -18.31
N MET A 84 -8.59 4.78 -17.89
CA MET A 84 -7.92 5.18 -16.68
C MET A 84 -8.84 6.06 -15.85
N ASP A 85 -8.91 5.78 -14.54
CA ASP A 85 -9.60 6.70 -13.65
C ASP A 85 -8.70 7.95 -13.58
N ARG A 86 -9.27 9.10 -13.20
CA ARG A 86 -8.46 10.31 -13.04
C ARG A 86 -7.20 10.08 -12.17
N PHE A 87 -7.28 9.29 -11.07
CA PHE A 87 -6.06 9.15 -10.24
C PHE A 87 -4.90 8.52 -11.02
N THR A 88 -5.23 7.59 -11.93
CA THR A 88 -4.20 6.95 -12.78
C THR A 88 -3.74 7.92 -13.86
N GLN A 89 -4.67 8.69 -14.47
CA GLN A 89 -4.28 9.67 -15.48
C GLN A 89 -3.26 10.64 -14.89
N TYR A 90 -3.51 11.12 -13.65
CA TYR A 90 -2.59 12.10 -13.06
C TYR A 90 -1.25 11.46 -12.79
N ALA A 91 -1.25 10.20 -12.32
CA ALA A 91 0.01 9.51 -12.02
C ALA A 91 0.83 9.26 -13.29
N VAL A 92 0.19 8.82 -14.38
CA VAL A 92 0.91 8.55 -15.63
C VAL A 92 1.48 9.82 -16.19
N VAL A 93 0.67 10.90 -16.20
CA VAL A 93 1.14 12.18 -16.73
C VAL A 93 2.32 12.73 -15.89
N ALA A 94 2.18 12.69 -14.56
CA ALA A 94 3.27 13.21 -13.73
C ALA A 94 4.52 12.35 -13.80
N ALA A 95 4.35 11.01 -13.89
CA ALA A 95 5.52 10.11 -13.98
C ALA A 95 6.27 10.33 -15.30
N LYS A 96 5.53 10.46 -16.41
CA LYS A 96 6.17 10.73 -17.71
C LYS A 96 6.91 12.08 -17.67
N MET A 97 6.30 13.10 -17.03
N MET A 97 6.30 13.10 -17.04
CA MET A 97 6.92 14.43 -16.88
CA MET A 97 6.91 14.42 -16.87
C MET A 97 8.21 14.31 -16.08
C MET A 97 8.22 14.29 -16.10
N ALA A 98 8.21 13.49 -15.00
CA ALA A 98 9.39 13.29 -14.15
C ALA A 98 10.53 12.58 -14.88
N VAL A 99 10.19 11.52 -15.65
CA VAL A 99 11.21 10.78 -16.40
C VAL A 99 11.82 11.63 -17.53
N GLU A 100 10.98 12.45 -18.19
CA GLU A 100 11.43 13.37 -19.24
C GLU A 100 12.34 14.46 -18.63
N ASP A 101 11.95 14.97 -17.43
CA ASP A 101 12.75 15.96 -16.72
C ASP A 101 14.12 15.37 -16.34
N ALA A 102 14.13 14.08 -15.95
CA ALA A 102 15.36 13.36 -15.57
C ALA A 102 16.22 13.02 -16.77
N ASP A 103 15.65 13.14 -18.00
CA ASP A 103 16.31 12.78 -19.26
C ASP A 103 16.79 11.32 -19.17
N LEU A 104 15.97 10.47 -18.52
CA LEU A 104 16.32 9.07 -18.33
C LEU A 104 15.80 8.22 -19.47
N ASN A 105 16.72 7.43 -20.09
CA ASN A 105 16.38 6.53 -21.18
C ASN A 105 16.23 5.11 -20.61
N ILE A 106 14.99 4.66 -20.42
CA ILE A 106 14.71 3.35 -19.86
C ILE A 106 14.79 2.33 -20.97
N THR A 107 16.00 1.76 -21.14
CA THR A 107 16.29 0.77 -22.16
C THR A 107 16.04 -0.63 -21.62
N ASP A 108 16.06 -1.64 -22.50
CA ASP A 108 15.95 -3.04 -22.09
C ASP A 108 17.06 -3.40 -21.11
N GLU A 109 18.27 -2.81 -21.29
CA GLU A 109 19.42 -3.07 -20.42
C GLU A 109 19.18 -2.63 -18.98
N ILE A 110 18.62 -1.41 -18.77
CA ILE A 110 18.38 -0.90 -17.41
C ILE A 110 16.98 -1.15 -16.83
N ALA A 111 15.99 -1.52 -17.67
CA ALA A 111 14.60 -1.76 -17.25
C ALA A 111 14.45 -2.56 -15.95
N PRO A 112 15.17 -3.71 -15.74
CA PRO A 112 14.97 -4.46 -14.48
C PRO A 112 15.47 -3.74 -13.23
N ARG A 113 16.24 -2.65 -13.42
CA ARG A 113 16.80 -1.85 -12.31
C ARG A 113 16.03 -0.55 -12.08
N VAL A 114 14.93 -0.33 -12.83
CA VAL A 114 14.08 0.87 -12.71
C VAL A 114 12.73 0.41 -12.20
N GLY A 115 12.38 0.82 -11.00
CA GLY A 115 11.13 0.44 -10.36
C GLY A 115 10.16 1.58 -10.21
N VAL A 116 8.97 1.26 -9.66
CA VAL A 116 7.89 2.22 -9.50
C VAL A 116 7.25 1.99 -8.14
N TRP A 117 7.10 3.04 -7.34
CA TRP A 117 6.47 2.91 -6.02
C TRP A 117 5.62 4.17 -5.82
N VAL A 118 4.37 4.10 -6.31
CA VAL A 118 3.46 5.25 -6.29
C VAL A 118 2.24 4.82 -5.55
N GLY A 119 1.84 5.62 -4.58
CA GLY A 119 0.65 5.27 -3.82
C GLY A 119 -0.53 6.18 -4.13
N SER A 120 -1.70 5.78 -3.64
CA SER A 120 -2.90 6.58 -3.68
C SER A 120 -3.69 6.26 -2.43
N GLY A 121 -4.35 7.24 -1.82
CA GLY A 121 -5.13 6.95 -0.62
C GLY A 121 -6.45 6.26 -0.90
N PHE A 122 -7.10 6.64 -2.02
CA PHE A 122 -8.41 6.12 -2.40
C PHE A 122 -8.45 5.36 -3.71
N GLY A 123 -7.47 5.57 -4.58
CA GLY A 123 -7.58 4.94 -5.90
C GLY A 123 -8.78 5.48 -6.69
N GLY A 124 -9.43 4.61 -7.47
CA GLY A 124 -10.48 5.02 -8.40
C GLY A 124 -11.88 5.09 -7.87
N LEU A 125 -12.10 5.97 -6.90
CA LEU A 125 -13.43 6.13 -6.30
C LEU A 125 -14.48 6.58 -7.31
N GLU A 126 -14.12 7.49 -8.26
CA GLU A 126 -15.08 7.92 -9.26
C GLU A 126 -15.55 6.71 -10.11
N THR A 127 -14.59 5.83 -10.51
CA THR A 127 -14.91 4.63 -11.27
C THR A 127 -15.82 3.71 -10.46
N LEU A 128 -15.53 3.50 -9.16
CA LEU A 128 -16.42 2.66 -8.36
C LEU A 128 -17.83 3.24 -8.34
N GLU A 129 -17.94 4.55 -8.10
CA GLU A 129 -19.26 5.14 -8.03
C GLU A 129 -20.03 4.95 -9.34
N SER A 130 -19.42 5.28 -10.50
N SER A 130 -19.39 5.24 -10.47
CA SER A 130 -20.17 5.16 -11.76
CA SER A 130 -20.02 5.12 -11.78
C SER A 130 -20.51 3.71 -12.14
C SER A 130 -20.37 3.66 -12.12
N GLN A 131 -19.60 2.79 -11.83
N GLN A 131 -19.46 2.70 -11.81
CA GLN A 131 -19.81 1.39 -12.13
CA GLN A 131 -19.71 1.29 -12.09
C GLN A 131 -20.87 0.77 -11.21
C GLN A 131 -20.77 0.66 -11.16
N PHE A 132 -20.90 1.18 -9.92
CA PHE A 132 -21.93 0.69 -9.01
C PHE A 132 -23.31 1.18 -9.47
N GLU A 133 -23.41 2.43 -10.00
N GLU A 133 -23.39 2.42 -10.01
CA GLU A 133 -24.69 2.91 -10.52
CA GLU A 133 -24.65 2.96 -10.55
C GLU A 133 -25.11 2.06 -11.70
C GLU A 133 -25.11 2.11 -11.73
N ILE A 134 -24.15 1.64 -12.55
CA ILE A 134 -24.44 0.74 -13.69
C ILE A 134 -24.90 -0.65 -13.17
N PHE A 135 -24.23 -1.17 -12.13
CA PHE A 135 -24.63 -2.43 -11.51
C PHE A 135 -26.11 -2.34 -11.05
N LEU A 136 -26.48 -1.24 -10.39
CA LEU A 136 -27.85 -1.08 -9.90
C LEU A 136 -28.92 -0.95 -10.97
N THR A 137 -28.58 -0.29 -12.08
CA THR A 137 -29.55 -0.03 -13.15
C THR A 137 -29.56 -1.04 -14.30
N LYS A 138 -28.38 -1.60 -14.62
CA LYS A 138 -28.22 -2.55 -15.74
C LYS A 138 -27.89 -3.98 -15.31
N GLY A 139 -27.46 -4.15 -14.07
CA GLY A 139 -27.16 -5.45 -13.51
C GLY A 139 -25.68 -5.77 -13.57
N PRO A 140 -25.22 -6.83 -12.87
CA PRO A 140 -23.79 -7.15 -12.85
C PRO A 140 -23.22 -7.55 -14.20
N ARG A 141 -24.07 -8.08 -15.11
CA ARG A 141 -23.56 -8.49 -16.42
C ARG A 141 -23.21 -7.32 -17.35
N ARG A 142 -23.49 -6.08 -16.92
CA ARG A 142 -23.12 -4.87 -17.69
C ARG A 142 -22.00 -4.06 -17.02
N VAL A 143 -21.44 -4.58 -15.91
CA VAL A 143 -20.28 -3.95 -15.31
C VAL A 143 -19.14 -4.11 -16.34
N SER A 144 -18.32 -3.06 -16.47
CA SER A 144 -17.23 -3.05 -17.44
C SER A 144 -16.19 -4.13 -17.13
N PRO A 145 -15.64 -4.80 -18.16
CA PRO A 145 -14.50 -5.71 -17.93
C PRO A 145 -13.30 -4.92 -17.37
N PHE A 146 -13.27 -3.57 -17.54
CA PHE A 146 -12.15 -2.76 -17.04
C PHE A 146 -12.36 -2.21 -15.62
N PHE A 147 -13.51 -2.52 -15.01
CA PHE A 147 -13.84 -1.95 -13.71
C PHE A 147 -12.75 -2.22 -12.65
N VAL A 148 -12.42 -3.50 -12.43
CA VAL A 148 -11.44 -3.82 -11.37
C VAL A 148 -10.09 -3.15 -11.59
N PRO A 149 -9.42 -3.33 -12.75
CA PRO A 149 -8.14 -2.63 -12.91
C PRO A 149 -8.26 -1.13 -12.85
N MET A 150 -9.37 -0.53 -13.31
CA MET A 150 -9.45 0.93 -13.21
C MET A 150 -9.60 1.48 -11.78
N MET A 151 -10.30 0.74 -10.89
N MET A 151 -10.30 0.75 -10.89
CA MET A 151 -10.56 1.19 -9.52
CA MET A 151 -10.56 1.22 -9.53
C MET A 151 -9.35 1.04 -8.57
C MET A 151 -9.47 0.97 -8.47
N ILE A 152 -8.68 -0.09 -8.62
CA ILE A 152 -7.65 -0.46 -7.61
C ILE A 152 -6.46 0.48 -7.54
N PRO A 153 -6.04 0.87 -6.32
CA PRO A 153 -4.99 1.91 -6.21
C PRO A 153 -3.66 1.54 -6.82
N ASP A 154 -3.36 0.22 -6.89
CA ASP A 154 -2.09 -0.25 -7.46
C ASP A 154 -2.00 -0.04 -8.97
N MET A 155 -3.12 0.34 -9.63
N MET A 155 -3.10 0.36 -9.61
CA MET A 155 -3.14 0.60 -11.08
CA MET A 155 -3.10 0.61 -11.04
C MET A 155 -2.33 1.84 -11.47
C MET A 155 -2.42 1.89 -11.48
N ALA A 156 -2.11 2.79 -10.54
N ALA A 156 -2.06 2.78 -10.51
CA ALA A 156 -1.26 3.93 -10.87
CA ALA A 156 -1.25 3.94 -10.87
C ALA A 156 0.16 3.38 -11.12
C ALA A 156 0.16 3.38 -11.13
N THR A 157 0.74 2.60 -10.16
CA THR A 157 2.03 1.93 -10.37
C THR A 157 1.96 1.00 -11.59
N GLY A 158 0.88 0.23 -11.74
CA GLY A 158 0.79 -0.70 -12.86
C GLY A 158 0.83 0.00 -14.23
N GLN A 159 0.07 1.08 -14.37
CA GLN A 159 0.05 1.84 -15.63
C GLN A 159 1.31 2.63 -15.87
N ILE A 160 1.89 3.22 -14.79
CA ILE A 160 3.19 3.89 -14.93
C ILE A 160 4.25 2.90 -15.41
N SER A 161 4.28 1.68 -14.82
N SER A 161 4.27 1.68 -14.81
CA SER A 161 5.26 0.66 -15.21
CA SER A 161 5.23 0.64 -15.19
C SER A 161 5.14 0.32 -16.69
C SER A 161 5.13 0.34 -16.68
N ILE A 162 3.91 0.12 -17.20
N ILE A 162 3.89 0.12 -17.18
CA ILE A 162 3.70 -0.18 -18.62
CA ILE A 162 3.63 -0.15 -18.59
C ILE A 162 4.13 1.02 -19.49
C ILE A 162 4.12 1.01 -19.46
N ALA A 163 3.73 2.24 -19.10
CA ALA A 163 4.09 3.44 -19.88
C ALA A 163 5.60 3.66 -19.99
N LEU A 164 6.32 3.37 -18.90
CA LEU A 164 7.77 3.59 -18.85
C LEU A 164 8.64 2.41 -19.26
N GLY A 165 8.10 1.20 -19.19
CA GLY A 165 8.86 -0.02 -19.38
C GLY A 165 9.73 -0.31 -18.17
N ALA A 166 9.28 0.16 -16.96
CA ALA A 166 10.01 -0.05 -15.70
C ALA A 166 9.67 -1.43 -15.13
N LYS A 167 10.69 -2.32 -15.04
CA LYS A 167 10.52 -3.71 -14.68
C LYS A 167 11.10 -4.10 -13.32
N GLY A 168 11.59 -3.12 -12.58
CA GLY A 168 12.20 -3.37 -11.28
C GLY A 168 11.22 -3.42 -10.13
N VAL A 169 11.72 -3.20 -8.88
CA VAL A 169 10.90 -3.25 -7.66
C VAL A 169 9.64 -2.44 -7.84
N ASN A 170 8.49 -3.00 -7.49
CA ASN A 170 7.24 -2.37 -7.81
C ASN A 170 6.29 -2.49 -6.61
N SER A 171 5.69 -1.38 -6.20
CA SER A 171 4.73 -1.43 -5.10
C SER A 171 3.78 -0.27 -5.12
N CYS A 172 2.86 -0.29 -4.16
CA CYS A 172 1.89 0.76 -3.97
C CYS A 172 1.59 0.81 -2.48
N THR A 173 1.85 1.95 -1.84
CA THR A 173 1.53 2.16 -0.43
C THR A 173 0.21 2.91 -0.36
N VAL A 174 -0.65 2.52 0.57
CA VAL A 174 -1.91 3.21 0.78
C VAL A 174 -1.94 3.49 2.29
N THR A 175 -1.64 4.74 2.69
CA THR A 175 -1.60 5.12 4.11
C THR A 175 -2.24 6.49 4.29
N ALA A 176 -3.40 6.72 3.64
CA ALA A 176 -4.15 7.96 3.78
C ALA A 176 -3.24 9.18 3.49
N CYS A 177 -3.23 10.20 4.37
CA CYS A 177 -2.44 11.41 4.13
C CYS A 177 -0.96 11.17 4.06
N ALA A 178 -0.48 10.04 4.63
CA ALA A 178 0.96 9.77 4.64
C ALA A 178 1.43 9.07 3.36
N THR A 179 0.49 8.70 2.47
CA THR A 179 0.79 7.89 1.29
C THR A 179 2.00 8.35 0.48
N GLY A 180 2.01 9.62 0.07
CA GLY A 180 3.08 10.11 -0.82
C GLY A 180 4.44 10.10 -0.14
N THR A 181 4.47 10.42 1.16
CA THR A 181 5.71 10.48 1.94
C THR A 181 6.21 9.06 2.22
N ASN A 182 5.29 8.15 2.62
CA ASN A 182 5.71 6.75 2.81
C ASN A 182 6.22 6.14 1.51
N SER A 183 5.55 6.43 0.38
CA SER A 183 5.97 5.82 -0.89
C SER A 183 7.40 6.25 -1.24
N ILE A 184 7.67 7.55 -1.11
CA ILE A 184 9.02 8.04 -1.41
C ILE A 184 10.05 7.45 -0.43
N GLY A 185 9.69 7.38 0.84
CA GLY A 185 10.61 6.81 1.83
C GLY A 185 10.91 5.35 1.54
N ASP A 186 9.88 4.59 1.17
CA ASP A 186 10.05 3.17 0.89
C ASP A 186 10.92 2.98 -0.36
N ALA A 187 10.71 3.84 -1.41
CA ALA A 187 11.52 3.80 -2.63
C ALA A 187 12.98 4.15 -2.32
N PHE A 188 13.18 5.14 -1.43
CA PHE A 188 14.52 5.53 -0.97
C PHE A 188 15.21 4.33 -0.31
N LYS A 189 14.48 3.56 0.52
CA LYS A 189 15.07 2.39 1.18
C LYS A 189 15.41 1.26 0.17
N VAL A 190 14.59 1.10 -0.87
CA VAL A 190 14.88 0.11 -1.93
C VAL A 190 16.25 0.43 -2.58
N ILE A 191 16.49 1.72 -2.90
CA ILE A 191 17.75 2.10 -3.56
C ILE A 191 18.91 2.04 -2.57
N GLN A 192 18.70 2.47 -1.31
CA GLN A 192 19.76 2.45 -0.31
C GLN A 192 20.36 1.04 -0.14
N ARG A 193 19.46 0.03 -0.16
CA ARG A 193 19.88 -1.38 0.04
C ARG A 193 20.36 -2.07 -1.23
N GLY A 194 20.34 -1.35 -2.36
CA GLY A 194 20.84 -1.82 -3.65
C GLY A 194 19.88 -2.64 -4.51
N ASP A 195 18.55 -2.59 -4.21
CA ASP A 195 17.59 -3.40 -4.95
C ASP A 195 17.02 -2.79 -6.22
N ALA A 196 17.39 -1.55 -6.49
CA ALA A 196 17.05 -0.82 -7.72
C ALA A 196 18.05 0.31 -7.87
N ASP A 197 18.27 0.75 -9.13
CA ASP A 197 19.10 1.91 -9.39
C ASP A 197 18.25 3.17 -9.52
N VAL A 198 16.99 3.02 -9.96
CA VAL A 198 16.09 4.17 -10.16
C VAL A 198 14.73 3.75 -9.62
N MET A 199 14.02 4.69 -8.97
CA MET A 199 12.63 4.48 -8.57
C MET A 199 11.82 5.70 -8.92
N VAL A 200 10.70 5.48 -9.63
CA VAL A 200 9.76 6.54 -9.98
C VAL A 200 8.73 6.45 -8.88
N THR A 201 8.63 7.50 -8.05
CA THR A 201 7.86 7.35 -6.80
C THR A 201 7.14 8.61 -6.37
N GLY A 202 6.06 8.43 -5.62
CA GLY A 202 5.31 9.58 -5.12
C GLY A 202 3.90 9.17 -4.81
N GLY A 203 2.99 10.10 -5.03
CA GLY A 203 1.59 9.86 -4.70
C GLY A 203 0.67 10.53 -5.70
N THR A 204 -0.54 9.99 -5.82
CA THR A 204 -1.56 10.51 -6.73
C THR A 204 -2.91 10.41 -6.08
N GLU A 205 -3.79 11.36 -6.38
CA GLU A 205 -5.14 11.29 -5.82
C GLU A 205 -6.12 12.07 -6.66
N ALA A 206 -7.31 11.49 -6.86
CA ALA A 206 -8.42 12.19 -7.53
C ALA A 206 -9.63 11.97 -6.60
N PRO A 207 -9.63 12.66 -5.45
CA PRO A 207 -10.64 12.39 -4.41
C PRO A 207 -11.84 13.29 -4.47
N LEU A 208 -11.97 14.12 -5.51
CA LEU A 208 -13.12 15.01 -5.60
C LEU A 208 -14.29 14.24 -6.18
N THR A 209 -14.95 13.46 -5.31
CA THR A 209 -16.05 12.61 -5.72
C THR A 209 -17.18 12.73 -4.73
N ARG A 210 -18.35 12.21 -5.11
CA ARG A 210 -19.53 12.27 -4.25
C ARG A 210 -19.29 11.62 -2.89
N MET A 211 -18.73 10.42 -2.88
CA MET A 211 -18.51 9.71 -1.60
C MET A 211 -17.41 10.32 -0.76
N SER A 212 -16.37 10.82 -1.40
CA SER A 212 -15.29 11.43 -0.64
C SER A 212 -15.80 12.74 0.04
N PHE A 213 -16.53 13.58 -0.71
CA PHE A 213 -17.09 14.78 -0.07
C PHE A 213 -18.13 14.39 0.99
N ALA A 214 -18.94 13.35 0.73
CA ALA A 214 -19.95 12.93 1.72
C ALA A 214 -19.24 12.42 2.98
N GLY A 215 -18.20 11.62 2.79
CA GLY A 215 -17.47 11.01 3.91
C GLY A 215 -16.74 12.00 4.80
N PHE A 216 -15.99 12.91 4.17
CA PHE A 216 -15.22 13.90 4.95
C PHE A 216 -16.09 15.03 5.48
N SER A 217 -17.33 15.18 4.97
CA SER A 217 -18.31 16.11 5.54
C SER A 217 -18.98 15.40 6.75
N ALA A 218 -19.27 14.08 6.61
CA ALA A 218 -19.95 13.33 7.68
C ALA A 218 -19.14 13.33 8.97
N ASN A 219 -17.79 13.29 8.88
CA ASN A 219 -16.97 13.30 10.09
C ASN A 219 -16.42 14.69 10.38
N LYS A 220 -16.94 15.72 9.69
CA LYS A 220 -16.63 17.14 9.93
C LYS A 220 -15.15 17.48 9.72
N ALA A 221 -14.42 16.66 8.94
CA ALA A 221 -12.99 16.95 8.70
C ALA A 221 -12.81 18.14 7.78
N LEU A 222 -13.72 18.30 6.81
CA LEU A 222 -13.60 19.40 5.85
C LEU A 222 -14.01 20.73 6.44
N SER A 223 -13.36 21.80 6.00
CA SER A 223 -13.76 23.16 6.34
C SER A 223 -15.13 23.43 5.65
N THR A 224 -16.05 24.08 6.40
CA THR A 224 -17.35 24.47 5.86
C THR A 224 -17.33 25.97 5.50
N ASN A 225 -16.14 26.58 5.55
CA ASN A 225 -15.97 27.99 5.21
C ASN A 225 -16.21 28.17 3.69
N PRO A 226 -17.25 28.96 3.29
CA PRO A 226 -17.56 29.10 1.85
C PRO A 226 -16.65 30.10 1.14
N ASP A 227 -15.82 30.82 1.88
CA ASP A 227 -14.94 31.84 1.30
C ASP A 227 -13.62 31.21 0.85
N PRO A 228 -13.34 31.12 -0.47
CA PRO A 228 -12.06 30.53 -0.91
C PRO A 228 -10.85 31.33 -0.48
N LYS A 229 -11.02 32.61 -0.12
CA LYS A 229 -9.91 33.45 0.31
C LYS A 229 -9.39 33.07 1.71
N THR A 230 -10.24 32.44 2.56
CA THR A 230 -9.86 32.15 3.94
C THR A 230 -10.10 30.70 4.34
N ALA A 231 -10.59 29.85 3.42
CA ALA A 231 -10.93 28.49 3.85
C ALA A 231 -9.74 27.67 4.38
N SER A 232 -8.63 27.62 3.63
CA SER A 232 -7.43 26.91 4.07
C SER A 232 -6.53 27.95 4.73
N ARG A 233 -6.39 27.84 6.04
CA ARG A 233 -5.60 28.83 6.80
C ARG A 233 -4.86 28.10 7.93
N PRO A 234 -3.85 27.30 7.57
CA PRO A 234 -3.12 26.51 8.59
C PRO A 234 -2.51 27.42 9.63
N PHE A 235 -2.62 26.99 10.90
CA PHE A 235 -2.09 27.70 12.08
C PHE A 235 -2.88 28.93 12.49
N ASP A 236 -3.93 29.31 11.71
CA ASP A 236 -4.75 30.46 12.06
C ASP A 236 -5.70 30.07 13.19
N LYS A 237 -5.99 31.03 14.08
CA LYS A 237 -6.89 30.76 15.21
C LYS A 237 -8.28 30.26 14.76
N ASN A 238 -8.74 30.75 13.59
CA ASN A 238 -10.06 30.47 13.05
C ASN A 238 -10.14 29.30 12.07
N ARG A 239 -9.04 28.53 11.93
CA ARG A 239 -9.07 27.35 11.06
C ARG A 239 -10.18 26.38 11.53
N ASP A 240 -10.79 25.65 10.58
CA ASP A 240 -11.94 24.80 10.91
C ASP A 240 -12.00 23.54 10.05
N GLY A 241 -10.86 23.11 9.53
CA GLY A 241 -10.84 21.88 8.74
C GLY A 241 -10.08 22.02 7.44
N PHE A 242 -9.83 20.90 6.78
CA PHE A 242 -9.04 20.96 5.57
C PHE A 242 -9.87 21.27 4.32
N VAL A 243 -9.18 21.71 3.25
CA VAL A 243 -9.81 21.94 1.95
C VAL A 243 -9.25 20.83 1.05
N MET A 244 -10.13 20.05 0.42
N MET A 244 -10.13 20.05 0.43
CA MET A 244 -9.71 18.90 -0.37
CA MET A 244 -9.71 18.90 -0.37
C MET A 244 -9.18 19.30 -1.74
C MET A 244 -9.14 19.33 -1.71
N GLY A 245 -8.07 18.67 -2.11
CA GLY A 245 -7.41 18.93 -3.40
C GLY A 245 -7.15 17.67 -4.18
N GLU A 246 -6.58 17.83 -5.37
CA GLU A 246 -6.29 16.68 -6.23
C GLU A 246 -4.99 16.91 -6.97
N GLY A 247 -4.41 15.82 -7.47
CA GLY A 247 -3.22 15.94 -8.30
C GLY A 247 -2.27 14.78 -8.11
N ALA A 248 -1.02 14.97 -8.52
CA ALA A 248 0.00 13.95 -8.34
C ALA A 248 1.35 14.63 -8.26
N GLY A 249 2.20 14.07 -7.39
CA GLY A 249 3.58 14.55 -7.26
C GLY A 249 4.46 13.33 -7.33
N ILE A 250 5.32 13.27 -8.38
CA ILE A 250 6.16 12.11 -8.65
C ILE A 250 7.59 12.57 -8.85
N ILE A 251 8.52 11.83 -8.25
CA ILE A 251 9.93 12.16 -8.40
C ILE A 251 10.70 10.95 -8.86
N VAL A 252 11.87 11.19 -9.42
CA VAL A 252 12.75 10.12 -9.82
C VAL A 252 13.88 10.10 -8.80
N LEU A 253 13.98 8.99 -8.04
CA LEU A 253 15.09 8.77 -7.12
C LEU A 253 16.09 7.90 -7.84
N GLU A 254 17.37 8.14 -7.59
CA GLU A 254 18.39 7.40 -8.32
C GLU A 254 19.64 7.18 -7.47
N GLU A 255 20.25 5.99 -7.58
CA GLU A 255 21.51 5.70 -6.90
C GLU A 255 22.57 6.69 -7.43
N LEU A 256 23.35 7.30 -6.53
CA LEU A 256 24.30 8.35 -6.89
C LEU A 256 25.27 8.03 -8.01
N GLU A 257 25.96 6.89 -7.93
CA GLU A 257 26.95 6.54 -8.96
C GLU A 257 26.28 6.37 -10.34
N HIS A 258 25.07 5.79 -10.36
CA HIS A 258 24.27 5.62 -11.58
C HIS A 258 23.94 7.00 -12.18
N ALA A 259 23.51 7.97 -11.33
CA ALA A 259 23.17 9.33 -11.77
C ALA A 259 24.40 10.04 -12.36
N LEU A 260 25.54 9.97 -11.64
CA LEU A 260 26.79 10.61 -12.07
C LEU A 260 27.31 10.06 -13.38
N ALA A 261 27.24 8.72 -13.57
CA ALA A 261 27.76 8.05 -14.78
C ALA A 261 26.99 8.43 -16.05
N ARG A 262 25.68 8.74 -15.95
CA ARG A 262 24.89 9.14 -17.11
C ARG A 262 24.81 10.67 -17.29
N GLY A 263 25.46 11.43 -16.40
CA GLY A 263 25.45 12.88 -16.40
C GLY A 263 24.11 13.48 -16.02
N ALA A 264 23.39 12.83 -15.09
CA ALA A 264 22.06 13.31 -14.65
C ALA A 264 22.16 14.65 -13.95
N LYS A 265 21.10 15.48 -14.02
CA LYS A 265 21.11 16.69 -13.20
C LYS A 265 20.60 16.23 -11.82
N ILE A 266 21.12 16.83 -10.76
CA ILE A 266 20.75 16.46 -9.40
C ILE A 266 20.14 17.63 -8.68
N TYR A 267 18.90 17.45 -8.18
CA TYR A 267 18.21 18.50 -7.44
C TYR A 267 18.64 18.56 -5.97
N GLY A 268 18.93 17.39 -5.42
CA GLY A 268 19.27 17.24 -4.01
C GLY A 268 19.38 15.78 -3.65
N GLU A 269 19.56 15.51 -2.37
CA GLU A 269 19.73 14.16 -1.87
C GLU A 269 18.67 13.83 -0.82
N ILE A 270 18.16 12.59 -0.83
CA ILE A 270 17.24 12.16 0.22
C ILE A 270 18.11 11.45 1.25
N VAL A 271 17.99 11.85 2.53
CA VAL A 271 18.89 11.32 3.55
C VAL A 271 18.22 10.69 4.78
N GLY A 272 16.94 10.98 5.01
CA GLY A 272 16.30 10.42 6.19
C GLY A 272 14.83 10.13 5.96
N TYR A 273 14.34 9.07 6.64
CA TYR A 273 12.96 8.64 6.56
C TYR A 273 12.58 8.06 7.91
N GLY A 274 11.45 8.52 8.44
CA GLY A 274 10.93 8.03 9.72
C GLY A 274 9.48 7.64 9.56
N SER A 275 9.09 6.52 10.19
CA SER A 275 7.70 6.05 10.13
C SER A 275 7.31 5.57 11.52
N THR A 276 6.23 6.12 12.09
CA THR A 276 5.71 5.66 13.39
C THR A 276 4.20 5.61 13.35
N GLY A 277 3.62 4.95 14.36
CA GLY A 277 2.18 4.86 14.51
C GLY A 277 1.78 5.43 15.87
N ASP A 278 0.63 6.13 15.91
CA ASP A 278 0.11 6.68 17.17
C ASP A 278 -0.49 5.57 18.05
N ALA A 279 -1.09 4.52 17.42
CA ALA A 279 -1.79 3.44 18.16
C ALA A 279 -2.82 4.03 19.13
N TYR A 280 -3.55 5.04 18.65
CA TYR A 280 -4.47 5.80 19.49
C TYR A 280 -5.93 5.73 19.05
N HIS A 281 -6.24 6.23 17.84
CA HIS A 281 -7.61 6.41 17.40
C HIS A 281 -7.66 6.34 15.90
N ILE A 282 -8.80 5.89 15.37
CA ILE A 282 -9.00 5.73 13.93
C ILE A 282 -8.81 7.00 13.11
N THR A 283 -9.15 8.17 13.68
CA THR A 283 -9.07 9.41 12.92
C THR A 283 -8.45 10.56 13.69
N ALA A 284 -8.54 10.55 15.03
CA ALA A 284 -8.03 11.65 15.83
C ALA A 284 -6.53 11.52 16.06
N PRO A 285 -5.79 12.61 15.84
CA PRO A 285 -4.35 12.58 16.11
C PRO A 285 -4.05 12.47 17.60
N ALA A 286 -2.96 11.79 17.96
CA ALA A 286 -2.55 11.61 19.36
C ALA A 286 -2.25 12.93 20.04
N GLN A 287 -2.61 13.03 21.33
CA GLN A 287 -2.36 14.19 22.16
C GLN A 287 -0.90 14.65 22.06
N ASP A 288 -0.70 15.97 21.93
CA ASP A 288 0.61 16.61 21.91
C ASP A 288 1.50 16.24 20.72
N GLY A 289 0.96 15.50 19.76
CA GLY A 289 1.73 15.10 18.57
C GLY A 289 2.88 14.16 18.88
N GLU A 290 2.72 13.30 19.90
CA GLU A 290 3.82 12.44 20.34
C GLU A 290 4.33 11.50 19.24
N GLY A 291 3.42 10.96 18.43
CA GLY A 291 3.76 10.05 17.34
C GLY A 291 4.51 10.79 16.25
N GLY A 292 4.02 11.99 15.90
CA GLY A 292 4.70 12.85 14.93
C GLY A 292 6.09 13.23 15.37
N ALA A 293 6.25 13.54 16.68
CA ALA A 293 7.58 13.83 17.22
C ALA A 293 8.52 12.64 17.05
N ARG A 294 8.04 11.42 17.37
CA ARG A 294 8.86 10.21 17.20
C ARG A 294 9.24 9.97 15.73
N ALA A 295 8.32 10.25 14.77
CA ALA A 295 8.64 10.06 13.34
C ALA A 295 9.74 11.06 12.92
N MET A 296 9.63 12.32 13.37
CA MET A 296 10.67 13.31 13.05
C MET A 296 12.01 12.90 13.64
N GLN A 297 12.01 12.39 14.90
CA GLN A 297 13.23 11.93 15.55
C GLN A 297 13.84 10.73 14.82
N GLU A 298 12.99 9.80 14.33
CA GLU A 298 13.51 8.65 13.57
C GLU A 298 14.15 9.11 12.28
N ALA A 299 13.53 10.09 11.59
CA ALA A 299 14.09 10.61 10.31
C ALA A 299 15.44 11.30 10.57
N ILE A 300 15.52 12.09 11.66
CA ILE A 300 16.76 12.82 12.05
C ILE A 300 17.88 11.81 12.34
N LYS A 301 17.56 10.74 13.10
CA LYS A 301 18.54 9.71 13.42
C LYS A 301 18.97 8.96 12.14
N ASP A 302 18.01 8.68 11.23
CA ASP A 302 18.31 8.02 9.96
C ASP A 302 19.30 8.87 9.13
N ALA A 303 19.10 10.22 9.14
CA ALA A 303 19.98 11.15 8.42
C ALA A 303 21.36 11.37 9.09
N GLY A 304 21.48 10.95 10.34
CA GLY A 304 22.72 11.07 11.10
C GLY A 304 23.10 12.51 11.44
N ILE A 305 22.08 13.37 11.63
CA ILE A 305 22.27 14.79 11.90
C ILE A 305 21.77 15.19 13.29
N ALA A 306 22.13 16.41 13.71
CA ALA A 306 21.60 16.98 14.93
C ALA A 306 20.29 17.71 14.53
N PRO A 307 19.27 17.79 15.41
CA PRO A 307 18.03 18.51 15.05
C PRO A 307 18.26 19.95 14.57
N GLU A 308 19.29 20.64 15.13
CA GLU A 308 19.63 22.02 14.80
C GLU A 308 20.04 22.20 13.34
N GLU A 309 20.35 21.10 12.63
CA GLU A 309 20.74 21.17 11.22
C GLU A 309 19.55 21.39 10.28
N ILE A 310 18.30 21.19 10.77
CA ILE A 310 17.12 21.42 9.95
C ILE A 310 16.88 22.90 9.81
N ASP A 311 16.78 23.39 8.56
CA ASP A 311 16.56 24.81 8.31
C ASP A 311 15.09 25.15 8.08
N TYR A 312 14.35 24.20 7.49
CA TYR A 312 12.98 24.45 7.12
C TYR A 312 12.18 23.19 7.22
N ILE A 313 10.96 23.31 7.77
CA ILE A 313 10.03 22.21 7.84
C ILE A 313 8.84 22.52 6.94
N ASN A 314 8.57 21.65 5.96
CA ASN A 314 7.36 21.74 5.17
C ASN A 314 6.36 20.90 6.00
N ALA A 315 5.53 21.60 6.75
CA ALA A 315 4.60 21.00 7.68
C ALA A 315 3.52 20.16 6.99
N HIS A 316 2.89 19.26 7.76
CA HIS A 316 1.73 18.58 7.24
C HIS A 316 0.63 19.68 7.17
N GLY A 317 0.48 20.47 8.23
CA GLY A 317 -0.35 21.68 8.29
C GLY A 317 -1.61 21.70 7.46
N THR A 318 -2.54 20.82 7.80
CA THR A 318 -3.78 20.66 7.02
C THR A 318 -4.89 21.69 7.27
N SER A 319 -4.75 22.56 8.27
CA SER A 319 -5.76 23.56 8.63
C SER A 319 -6.90 22.96 9.46
N THR A 320 -6.68 21.76 10.08
CA THR A 320 -7.65 21.28 11.05
C THR A 320 -7.18 21.81 12.40
N TYR A 321 -8.12 21.93 13.35
CA TYR A 321 -7.75 22.40 14.67
C TYR A 321 -6.66 21.50 15.30
N TYR A 322 -6.90 20.20 15.36
CA TYR A 322 -5.97 19.30 16.04
C TYR A 322 -4.66 19.09 15.32
N ASN A 323 -4.66 18.99 13.97
CA ASN A 323 -3.36 18.77 13.33
C ASN A 323 -2.40 19.90 13.63
N ASP A 324 -2.81 21.15 13.38
CA ASP A 324 -1.87 22.25 13.43
C ASP A 324 -1.32 22.53 14.81
N LYS A 325 -2.20 22.34 15.82
CA LYS A 325 -1.85 22.51 17.24
C LYS A 325 -0.82 21.41 17.62
N TYR A 326 -1.16 20.14 17.34
CA TYR A 326 -0.29 19.04 17.72
C TYR A 326 1.00 18.97 16.93
N GLU A 327 0.96 19.36 15.65
CA GLU A 327 2.20 19.37 14.87
C GLU A 327 3.16 20.44 15.43
N THR A 328 2.61 21.61 15.84
CA THR A 328 3.43 22.66 16.46
C THR A 328 4.04 22.09 17.75
N MET A 329 3.25 21.38 18.56
CA MET A 329 3.76 20.78 19.81
C MET A 329 4.86 19.76 19.51
N ALA A 330 4.67 18.93 18.48
CA ALA A 330 5.67 17.93 18.11
C ALA A 330 6.99 18.60 17.71
N ILE A 331 6.91 19.70 16.92
CA ILE A 331 8.11 20.43 16.50
C ILE A 331 8.86 20.97 17.72
N LYS A 332 8.13 21.52 18.71
CA LYS A 332 8.76 22.01 19.94
C LYS A 332 9.43 20.87 20.71
N THR A 333 8.78 19.68 20.77
CA THR A 333 9.36 18.54 21.47
C THR A 333 10.68 18.11 20.84
N VAL A 334 10.71 17.99 19.51
CA VAL A 334 11.87 17.52 18.79
C VAL A 334 13.01 18.53 18.77
N PHE A 335 12.68 19.80 18.49
CA PHE A 335 13.68 20.83 18.26
C PHE A 335 14.05 21.71 19.44
N GLY A 336 13.27 21.67 20.52
CA GLY A 336 13.56 22.49 21.70
C GLY A 336 13.65 23.96 21.35
N GLU A 337 14.73 24.65 21.78
CA GLU A 337 14.90 26.07 21.47
C GLU A 337 15.02 26.34 19.96
N HIS A 338 15.55 25.36 19.20
CA HIS A 338 15.70 25.48 17.73
C HIS A 338 14.34 25.58 17.01
N ALA A 339 13.23 25.16 17.67
CA ALA A 339 11.88 25.25 17.08
C ALA A 339 11.53 26.70 16.73
N HIS A 340 12.06 27.68 17.49
CA HIS A 340 11.81 29.09 17.24
C HIS A 340 12.83 29.71 16.31
N LYS A 341 13.84 28.93 15.88
CA LYS A 341 14.91 29.42 14.99
C LYS A 341 14.72 28.97 13.55
N LEU A 342 14.20 27.75 13.35
CA LEU A 342 13.95 27.29 11.98
C LEU A 342 12.66 27.91 11.43
N ALA A 343 12.43 27.73 10.13
CA ALA A 343 11.22 28.22 9.45
C ALA A 343 10.30 27.04 9.25
N VAL A 344 8.97 27.28 9.38
CA VAL A 344 7.98 26.22 9.14
C VAL A 344 7.00 26.80 8.16
N SER A 345 6.51 26.02 7.19
CA SER A 345 5.39 26.57 6.42
C SER A 345 4.49 25.45 5.96
N SER A 346 3.21 25.78 5.74
CA SER A 346 2.28 24.82 5.17
C SER A 346 1.90 25.30 3.78
N THR A 347 2.31 24.54 2.76
CA THR A 347 1.93 24.88 1.37
C THR A 347 0.48 24.42 1.09
N LYS A 348 -0.16 23.70 2.06
CA LYS A 348 -1.58 23.36 1.92
C LYS A 348 -2.45 24.62 2.05
N SER A 349 -1.86 25.72 2.56
CA SER A 349 -2.56 27.02 2.59
C SER A 349 -2.88 27.43 1.14
N MET A 350 -2.09 26.93 0.15
CA MET A 350 -2.26 27.24 -1.26
C MET A 350 -2.81 26.08 -2.07
N THR A 351 -2.33 24.85 -1.80
CA THR A 351 -2.73 23.70 -2.61
C THR A 351 -3.95 22.95 -2.10
N GLY A 352 -4.34 23.19 -0.85
CA GLY A 352 -5.32 22.33 -0.20
C GLY A 352 -4.62 21.04 0.17
N HIS A 353 -5.39 20.10 0.73
CA HIS A 353 -4.88 18.80 1.14
C HIS A 353 -5.09 17.80 0.02
N LEU A 354 -3.98 17.39 -0.64
CA LEU A 354 -4.01 16.45 -1.76
C LEU A 354 -4.11 14.99 -1.32
N LEU A 355 -4.34 14.75 -0.01
CA LEU A 355 -4.52 13.40 0.51
C LEU A 355 -3.35 12.51 0.14
N GLY A 356 -3.57 11.42 -0.60
CA GLY A 356 -2.47 10.52 -0.96
C GLY A 356 -1.36 11.17 -1.77
N ALA A 357 -1.65 12.30 -2.47
CA ALA A 357 -0.64 13.01 -3.28
C ALA A 357 0.05 14.13 -2.49
N ALA A 358 -0.45 14.45 -1.28
CA ALA A 358 0.15 15.55 -0.51
C ALA A 358 1.65 15.38 -0.30
N GLY A 359 2.08 14.19 0.11
CA GLY A 359 3.50 13.94 0.37
C GLY A 359 4.36 14.07 -0.87
N GLY A 360 3.79 13.74 -2.03
CA GLY A 360 4.51 13.84 -3.30
C GLY A 360 4.76 15.28 -3.70
N ILE A 361 3.70 16.10 -3.72
CA ILE A 361 3.83 17.52 -4.07
CA ILE A 361 3.88 17.51 -4.08
C ILE A 361 4.71 18.24 -3.03
N GLU A 362 4.57 17.87 -1.75
CA GLU A 362 5.36 18.51 -0.69
C GLU A 362 6.80 18.10 -0.73
N ALA A 363 7.10 16.86 -1.17
CA ALA A 363 8.52 16.48 -1.37
C ALA A 363 9.11 17.34 -2.51
N ILE A 364 8.34 17.55 -3.60
CA ILE A 364 8.81 18.39 -4.71
C ILE A 364 9.09 19.81 -4.22
N PHE A 365 8.16 20.40 -3.43
CA PHE A 365 8.38 21.76 -2.91
C PHE A 365 9.58 21.81 -1.97
N SER A 366 9.79 20.76 -1.16
CA SER A 366 10.96 20.70 -0.25
C SER A 366 12.27 20.65 -1.03
N ILE A 367 12.30 19.82 -2.12
CA ILE A 367 13.49 19.67 -2.96
C ILE A 367 13.79 20.98 -3.69
N LEU A 368 12.75 21.64 -4.23
CA LEU A 368 12.95 22.91 -4.94
C LEU A 368 13.33 24.05 -4.01
N ALA A 369 12.85 24.01 -2.75
CA ALA A 369 13.22 25.02 -1.76
C ALA A 369 14.74 24.98 -1.57
N ILE A 370 15.31 23.77 -1.52
CA ILE A 370 16.78 23.61 -1.42
C ILE A 370 17.45 24.03 -2.72
N LYS A 371 16.99 23.50 -3.87
CA LYS A 371 17.66 23.79 -5.15
C LYS A 371 17.69 25.28 -5.49
N GLU A 372 16.55 25.98 -5.28
CA GLU A 372 16.40 27.40 -5.61
C GLU A 372 16.68 28.37 -4.47
N GLY A 373 16.80 27.85 -3.24
CA GLY A 373 17.05 28.68 -2.06
C GLY A 373 15.91 29.62 -1.76
N VAL A 374 14.67 29.08 -1.77
CA VAL A 374 13.45 29.87 -1.53
C VAL A 374 12.53 29.04 -0.65
N ILE A 375 12.05 29.64 0.45
CA ILE A 375 11.08 28.98 1.34
C ILE A 375 9.69 29.48 0.95
N PRO A 376 8.77 28.58 0.55
CA PRO A 376 7.41 29.04 0.21
C PRO A 376 6.64 29.43 1.46
N PRO A 377 5.70 30.40 1.35
CA PRO A 377 5.02 30.89 2.56
C PRO A 377 3.81 30.05 2.98
N THR A 378 3.32 30.33 4.21
CA THR A 378 2.00 29.89 4.60
C THR A 378 1.15 31.15 4.35
N ILE A 379 0.17 31.06 3.46
CA ILE A 379 -0.71 32.20 3.24
C ILE A 379 -1.91 32.07 4.18
N ASN A 380 -2.69 33.18 4.29
CA ASN A 380 -3.97 33.26 5.00
C ASN A 380 -3.95 33.26 6.50
N ILE A 381 -2.78 33.47 7.14
CA ILE A 381 -2.77 33.58 8.60
C ILE A 381 -3.13 35.03 8.91
N GLN A 382 -4.38 35.26 9.32
CA GLN A 382 -4.88 36.60 9.65
C GLN A 382 -5.01 36.82 11.15
N THR A 383 -5.32 35.74 11.89
CA THR A 383 -5.52 35.78 13.35
C THR A 383 -4.55 34.81 14.02
N PRO A 384 -3.50 35.33 14.70
CA PRO A 384 -2.56 34.43 15.37
C PRO A 384 -3.23 33.63 16.46
N ASP A 385 -2.83 32.37 16.55
CA ASP A 385 -3.31 31.44 17.57
C ASP A 385 -2.19 31.31 18.58
N GLU A 386 -2.47 31.55 19.88
CA GLU A 386 -1.47 31.45 20.94
C GLU A 386 -0.81 30.08 21.04
N GLU A 387 -1.52 29.00 20.63
CA GLU A 387 -1.00 27.62 20.64
C GLU A 387 -0.13 27.35 19.40
N CYS A 388 -0.22 28.19 18.35
CA CYS A 388 0.56 27.99 17.11
C CYS A 388 1.41 29.23 16.95
N ASP A 389 2.53 29.24 17.68
CA ASP A 389 3.38 30.44 17.78
C ASP A 389 4.78 30.35 17.18
N LEU A 390 4.98 29.40 16.25
CA LEU A 390 6.27 29.29 15.57
C LEU A 390 6.32 30.27 14.41
N ASP A 391 7.43 30.26 13.63
CA ASP A 391 7.60 31.13 12.48
C ASP A 391 7.05 30.38 11.26
N TYR A 392 5.83 30.74 10.82
CA TYR A 392 5.16 30.05 9.71
C TYR A 392 5.42 30.65 8.33
N VAL A 393 6.47 31.52 8.20
CA VAL A 393 6.81 32.19 6.93
C VAL A 393 5.52 32.82 6.37
N PRO A 394 4.80 33.67 7.14
CA PRO A 394 3.53 34.18 6.65
C PRO A 394 3.63 35.06 5.43
N ASP A 395 2.68 34.84 4.49
CA ASP A 395 2.38 35.68 3.32
C ASP A 395 3.37 35.73 2.19
N GLU A 396 4.66 35.88 2.51
CA GLU A 396 5.73 36.11 1.53
C GLU A 396 6.81 35.05 1.61
N ALA A 397 7.25 34.57 0.43
CA ALA A 397 8.36 33.63 0.32
C ALA A 397 9.63 34.30 0.85
N ARG A 398 10.56 33.49 1.36
CA ARG A 398 11.80 33.96 1.93
C ARG A 398 12.99 33.37 1.17
N ARG A 399 13.83 34.22 0.59
CA ARG A 399 15.01 33.77 -0.16
C ARG A 399 16.09 33.46 0.88
N GLN A 400 16.53 32.20 0.93
CA GLN A 400 17.49 31.73 1.94
C GLN A 400 18.21 30.49 1.44
N GLU A 401 19.53 30.39 1.73
CA GLU A 401 20.30 29.19 1.39
C GLU A 401 19.92 28.08 2.37
N LEU A 402 19.40 26.97 1.86
CA LEU A 402 18.98 25.87 2.73
C LEU A 402 19.87 24.67 2.56
N ASN A 403 20.21 24.01 3.67
CA ASN A 403 21.02 22.80 3.69
C ASN A 403 20.17 21.55 3.91
N TYR A 404 19.20 21.61 4.86
CA TYR A 404 18.34 20.47 5.18
C TYR A 404 16.91 20.91 5.29
N VAL A 405 16.01 20.13 4.69
CA VAL A 405 14.58 20.36 4.79
C VAL A 405 13.91 19.07 5.27
N LEU A 406 12.94 19.22 6.17
CA LEU A 406 12.17 18.11 6.69
C LEU A 406 10.73 18.28 6.21
N SER A 407 10.11 17.19 5.73
CA SER A 407 8.71 17.24 5.33
C SER A 407 7.90 16.23 6.13
N ASN A 408 6.77 16.67 6.73
CA ASN A 408 5.91 15.74 7.50
C ASN A 408 4.62 15.43 6.77
N SER A 409 4.11 14.20 6.99
CA SER A 409 2.73 13.82 6.62
C SER A 409 2.22 13.06 7.84
N LEU A 410 1.28 13.64 8.59
CA LEU A 410 0.75 13.07 9.84
C LEU A 410 -0.68 12.67 9.52
N GLY A 411 -0.79 11.51 8.89
CA GLY A 411 -2.05 11.04 8.34
C GLY A 411 -3.11 10.51 9.27
N PHE A 412 -4.37 10.66 8.86
CA PHE A 412 -5.52 10.08 9.57
C PHE A 412 -5.22 8.58 9.74
N GLY A 413 -5.58 8.04 10.90
CA GLY A 413 -5.34 6.62 11.20
C GLY A 413 -4.04 6.38 11.94
N GLY A 414 -3.38 7.46 12.35
CA GLY A 414 -2.15 7.40 13.12
C GLY A 414 -0.88 7.15 12.34
N HIS A 415 -0.90 7.35 11.00
CA HIS A 415 0.27 7.09 10.13
C HIS A 415 1.16 8.32 10.10
N ASN A 416 2.30 8.28 10.80
CA ASN A 416 3.22 9.43 10.82
C ASN A 416 4.41 9.13 9.95
N ALA A 417 4.68 10.00 8.98
CA ALA A 417 5.80 9.78 8.06
C ALA A 417 6.58 11.07 7.90
N THR A 418 7.90 10.97 7.88
CA THR A 418 8.75 12.15 7.74
C THR A 418 9.89 11.84 6.78
N LEU A 419 10.23 12.82 5.91
CA LEU A 419 11.38 12.73 5.01
C LEU A 419 12.32 13.89 5.29
N ILE A 420 13.62 13.64 5.14
CA ILE A 420 14.63 14.70 5.23
C ILE A 420 15.41 14.72 3.92
N PHE A 421 15.52 15.92 3.33
CA PHE A 421 16.23 16.20 2.08
C PHE A 421 17.43 17.08 2.39
N LYS A 422 18.49 16.91 1.62
CA LYS A 422 19.72 17.65 1.82
C LYS A 422 20.21 18.25 0.52
N LYS A 423 20.87 19.41 0.62
CA LYS A 423 21.51 20.03 -0.54
C LYS A 423 22.58 19.05 -1.04
N TYR A 424 22.61 18.78 -2.35
CA TYR A 424 23.61 17.85 -2.85
C TYR A 424 25.04 18.42 -2.86
N GLN A 425 25.97 17.68 -2.22
CA GLN A 425 27.40 17.98 -2.14
C GLN A 425 28.18 16.75 -2.60
N SER A 426 29.13 16.94 -3.54
CA SER A 426 29.99 15.90 -4.10
C SER A 426 30.92 15.31 -3.05
N THR B 15 23.05 -2.29 7.90
N THR B 15 25.56 -4.23 9.58
CA THR B 15 22.56 -3.21 8.93
CA THR B 15 25.05 -5.04 10.69
C THR B 15 21.83 -4.39 8.30
C THR B 15 24.00 -6.10 10.29
N LYS B 16 22.21 -5.62 8.72
N LYS B 16 23.11 -5.84 9.27
CA LYS B 16 21.57 -6.85 8.27
CA LYS B 16 22.06 -6.72 8.71
C LYS B 16 21.30 -7.81 9.43
C LYS B 16 21.48 -7.74 9.74
N LYS B 17 20.20 -7.58 10.12
CA LYS B 17 19.69 -8.42 11.20
C LYS B 17 19.01 -9.66 10.62
N ARG B 18 19.03 -10.76 11.41
CA ARG B 18 18.30 -11.97 11.07
C ARG B 18 16.89 -11.81 11.58
N VAL B 19 15.93 -12.32 10.80
CA VAL B 19 14.51 -12.15 11.05
C VAL B 19 13.83 -13.49 11.10
N VAL B 20 13.15 -13.78 12.21
CA VAL B 20 12.49 -15.07 12.39
C VAL B 20 11.00 -14.92 12.57
N VAL B 21 10.27 -16.03 12.37
CA VAL B 21 8.81 -16.05 12.50
C VAL B 21 8.48 -16.60 13.88
N THR B 22 7.79 -15.81 14.73
CA THR B 22 7.50 -16.20 16.11
C THR B 22 6.01 -16.39 16.44
N GLY B 23 5.13 -16.11 15.49
CA GLY B 23 3.69 -16.25 15.71
C GLY B 23 2.93 -16.30 14.41
N LEU B 24 1.81 -17.07 14.41
CA LEU B 24 0.96 -17.23 13.22
C LEU B 24 -0.51 -17.05 13.63
N GLY B 25 -1.28 -16.43 12.74
CA GLY B 25 -2.70 -16.20 12.97
C GLY B 25 -3.42 -16.22 11.65
N ALA B 26 -4.59 -16.90 11.60
CA ALA B 26 -5.30 -16.98 10.33
C ALA B 26 -6.78 -17.23 10.47
N LEU B 27 -7.52 -16.72 9.48
CA LEU B 27 -8.92 -17.06 9.23
C LEU B 27 -8.91 -17.45 7.75
N SER B 28 -9.39 -18.66 7.41
CA SER B 28 -9.41 -19.05 6.00
C SER B 28 -10.61 -19.94 5.74
N PRO B 29 -10.91 -20.22 4.46
CA PRO B 29 -12.02 -21.14 4.13
C PRO B 29 -11.78 -22.57 4.67
N LEU B 30 -10.55 -22.85 5.17
CA LEU B 30 -10.18 -24.15 5.74
C LEU B 30 -10.28 -24.16 7.27
N GLY B 31 -10.58 -23.03 7.89
CA GLY B 31 -10.70 -23.00 9.34
C GLY B 31 -10.52 -21.62 9.92
N ASN B 32 -11.08 -21.41 11.13
CA ASN B 32 -11.00 -20.13 11.82
C ASN B 32 -9.80 -19.96 12.74
N ASP B 33 -8.78 -20.78 12.53
CA ASP B 33 -7.49 -20.65 13.19
C ASP B 33 -6.42 -21.35 12.37
N VAL B 34 -5.15 -21.18 12.74
CA VAL B 34 -4.04 -21.80 12.00
C VAL B 34 -4.09 -23.33 12.09
N ASP B 35 -4.25 -23.89 13.30
CA ASP B 35 -4.27 -25.33 13.47
C ASP B 35 -5.32 -25.99 12.57
N THR B 36 -6.55 -25.47 12.57
CA THR B 36 -7.62 -26.07 11.76
C THR B 36 -7.32 -25.91 10.27
N SER B 37 -6.89 -24.69 9.84
CA SER B 37 -6.58 -24.44 8.43
C SER B 37 -5.46 -25.38 7.95
N TRP B 38 -4.37 -25.49 8.74
CA TRP B 38 -3.23 -26.35 8.41
C TRP B 38 -3.59 -27.83 8.36
N ASN B 39 -4.31 -28.33 9.39
N ASN B 39 -4.31 -28.33 9.39
CA ASN B 39 -4.66 -29.75 9.41
CA ASN B 39 -4.72 -29.74 9.45
C ASN B 39 -5.59 -30.11 8.25
C ASN B 39 -5.58 -30.10 8.25
N ASN B 40 -6.47 -29.18 7.84
CA ASN B 40 -7.34 -29.40 6.69
C ASN B 40 -6.54 -29.36 5.39
N ALA B 41 -5.57 -28.43 5.26
CA ALA B 41 -4.71 -28.37 4.05
C ALA B 41 -3.90 -29.64 3.86
N ILE B 42 -3.29 -30.17 4.93
CA ILE B 42 -2.49 -31.40 4.81
C ILE B 42 -3.33 -32.66 4.60
N ASN B 43 -4.65 -32.54 4.80
CA ASN B 43 -5.59 -33.65 4.56
C ASN B 43 -6.37 -33.46 3.24
N GLY B 44 -5.94 -32.50 2.41
CA GLY B 44 -6.54 -32.25 1.11
C GLY B 44 -8.01 -31.86 1.13
N VAL B 45 -8.43 -31.18 2.20
CA VAL B 45 -9.81 -30.75 2.37
C VAL B 45 -10.07 -29.51 1.53
N SER B 46 -11.14 -29.52 0.75
CA SER B 46 -11.53 -28.37 -0.06
C SER B 46 -12.38 -27.41 0.76
N GLY B 47 -12.10 -26.11 0.64
CA GLY B 47 -12.90 -25.09 1.30
C GLY B 47 -13.89 -24.42 0.35
N ILE B 48 -14.07 -24.99 -0.86
CA ILE B 48 -14.93 -24.40 -1.89
C ILE B 48 -16.32 -24.99 -1.88
N GLY B 49 -17.33 -24.14 -1.99
CA GLY B 49 -18.72 -24.55 -2.08
C GLY B 49 -19.57 -23.54 -2.82
N PRO B 50 -20.90 -23.69 -2.81
CA PRO B 50 -21.75 -22.70 -3.49
C PRO B 50 -21.64 -21.35 -2.79
N ILE B 51 -21.77 -20.26 -3.57
CA ILE B 51 -21.72 -18.90 -3.01
C ILE B 51 -22.95 -18.71 -2.14
N THR B 52 -22.75 -18.16 -0.92
CA THR B 52 -23.86 -17.84 -0.01
C THR B 52 -23.84 -16.35 0.32
N ARG B 53 -22.65 -15.71 0.22
CA ARG B 53 -22.48 -14.30 0.62
C ARG B 53 -23.31 -13.34 -0.20
N VAL B 54 -23.44 -13.61 -1.50
CA VAL B 54 -24.25 -12.83 -2.45
C VAL B 54 -25.17 -13.82 -3.18
N ASP B 55 -26.23 -13.35 -3.81
CA ASP B 55 -27.10 -14.24 -4.57
C ASP B 55 -26.44 -14.42 -5.93
N ALA B 56 -25.91 -15.62 -6.22
CA ALA B 56 -25.17 -15.88 -7.47
C ALA B 56 -26.01 -16.10 -8.74
N GLU B 57 -27.36 -16.10 -8.61
CA GLU B 57 -28.26 -16.33 -9.75
C GLU B 57 -27.94 -15.45 -10.97
N GLU B 58 -27.67 -14.14 -10.76
CA GLU B 58 -27.39 -13.23 -11.87
C GLU B 58 -25.92 -13.18 -12.32
N TYR B 59 -25.01 -13.89 -11.63
CA TYR B 59 -23.58 -13.90 -11.96
C TYR B 59 -23.13 -15.18 -12.69
N PRO B 60 -22.10 -15.15 -13.57
CA PRO B 60 -21.67 -16.42 -14.19
C PRO B 60 -20.86 -17.33 -13.24
N ALA B 61 -20.18 -16.77 -12.23
CA ALA B 61 -19.46 -17.55 -11.22
C ALA B 61 -20.46 -18.04 -10.18
N LYS B 62 -20.32 -19.30 -9.74
CA LYS B 62 -21.31 -19.92 -8.86
C LYS B 62 -20.75 -20.47 -7.58
N VAL B 63 -19.41 -20.56 -7.47
CA VAL B 63 -18.77 -21.12 -6.29
C VAL B 63 -17.81 -20.12 -5.66
N ALA B 64 -17.47 -20.33 -4.38
CA ALA B 64 -16.53 -19.46 -3.68
C ALA B 64 -15.97 -20.22 -2.50
N ALA B 65 -14.91 -19.67 -1.89
CA ALA B 65 -14.31 -20.28 -0.71
C ALA B 65 -14.56 -19.30 0.45
N GLU B 66 -15.60 -19.58 1.23
CA GLU B 66 -16.02 -18.70 2.32
C GLU B 66 -15.55 -19.17 3.67
N LEU B 67 -15.50 -18.25 4.66
CA LEU B 67 -15.22 -18.69 6.03
C LEU B 67 -16.43 -19.53 6.47
N LYS B 68 -16.19 -20.55 7.27
CA LYS B 68 -17.26 -21.41 7.77
C LYS B 68 -17.50 -21.11 9.22
N ASP B 69 -18.75 -20.84 9.59
CA ASP B 69 -19.12 -20.64 10.99
C ASP B 69 -18.33 -19.51 11.67
N PHE B 70 -18.00 -18.45 10.93
CA PHE B 70 -17.28 -17.33 11.54
C PHE B 70 -18.29 -16.31 12.03
N ASN B 71 -18.36 -16.15 13.37
CA ASN B 71 -19.24 -15.18 14.00
C ASN B 71 -18.32 -14.20 14.68
N VAL B 72 -18.23 -12.98 14.13
CA VAL B 72 -17.33 -11.96 14.69
C VAL B 72 -17.64 -11.66 16.16
N GLU B 73 -18.93 -11.80 16.57
CA GLU B 73 -19.35 -11.56 17.97
C GLU B 73 -18.72 -12.53 18.97
N ASP B 74 -18.06 -13.61 18.50
CA ASP B 74 -17.31 -14.53 19.35
C ASP B 74 -15.96 -13.94 19.73
N TYR B 75 -15.55 -12.86 19.06
CA TYR B 75 -14.22 -12.24 19.25
C TYR B 75 -14.30 -10.83 19.78
N MET B 76 -15.44 -10.15 19.60
CA MET B 76 -15.58 -8.76 20.04
C MET B 76 -17.05 -8.42 20.24
N ASP B 77 -17.33 -7.27 20.87
CA ASP B 77 -18.73 -6.85 21.05
C ASP B 77 -19.31 -6.47 19.70
N LYS B 78 -20.61 -6.70 19.52
CA LYS B 78 -21.36 -6.34 18.31
C LYS B 78 -21.15 -4.84 17.98
N LYS B 79 -21.12 -3.96 19.02
CA LYS B 79 -20.91 -2.54 18.81
C LYS B 79 -19.56 -2.23 18.14
N GLU B 80 -18.51 -3.01 18.47
CA GLU B 80 -17.17 -2.86 17.91
C GLU B 80 -17.14 -3.40 16.46
N ALA B 81 -17.80 -4.57 16.23
CA ALA B 81 -17.87 -5.20 14.90
C ALA B 81 -18.58 -4.30 13.93
N ARG B 82 -19.62 -3.57 14.40
CA ARG B 82 -20.41 -2.70 13.52
C ARG B 82 -19.61 -1.51 12.98
N LYS B 83 -18.45 -1.24 13.58
CA LYS B 83 -17.56 -0.16 13.18
C LYS B 83 -16.34 -0.68 12.38
N MET B 84 -16.46 -1.94 11.87
CA MET B 84 -15.38 -2.55 11.10
C MET B 84 -15.97 -3.25 9.88
N ASP B 85 -15.36 -3.03 8.70
CA ASP B 85 -15.72 -3.82 7.52
C ASP B 85 -15.19 -5.23 7.80
N ARG B 86 -15.76 -6.25 7.13
CA ARG B 86 -15.23 -7.61 7.27
C ARG B 86 -13.71 -7.71 7.07
N PHE B 87 -13.10 -6.95 6.12
CA PHE B 87 -11.66 -7.12 5.91
C PHE B 87 -10.88 -6.71 7.18
N THR B 88 -11.38 -5.69 7.92
CA THR B 88 -10.73 -5.25 9.15
C THR B 88 -11.03 -6.24 10.29
N GLN B 89 -12.26 -6.78 10.34
CA GLN B 89 -12.60 -7.78 11.38
C GLN B 89 -11.63 -8.96 11.22
N TYR B 90 -11.40 -9.43 9.97
CA TYR B 90 -10.54 -10.60 9.79
C TYR B 90 -9.10 -10.27 10.20
N ALA B 91 -8.62 -9.06 9.84
CA ALA B 91 -7.25 -8.67 10.18
C ALA B 91 -7.04 -8.56 11.67
N VAL B 92 -8.00 -7.96 12.40
CA VAL B 92 -7.85 -7.78 13.85
C VAL B 92 -7.89 -9.14 14.53
N VAL B 93 -8.83 -10.00 14.12
CA VAL B 93 -8.94 -11.34 14.72
C VAL B 93 -7.65 -12.18 14.46
N ALA B 94 -7.17 -12.21 13.20
CA ALA B 94 -5.97 -12.98 12.86
C ALA B 94 -4.73 -12.39 13.54
N ALA B 95 -4.62 -11.04 13.64
CA ALA B 95 -3.44 -10.39 14.27
C ALA B 95 -3.40 -10.71 15.76
N LYS B 96 -4.59 -10.68 16.43
CA LYS B 96 -4.65 -11.02 17.86
C LYS B 96 -4.24 -12.48 18.07
N MET B 97 -4.71 -13.43 17.18
N MET B 97 -4.68 -13.37 17.15
CA MET B 97 -4.30 -14.82 17.31
CA MET B 97 -4.34 -14.78 17.17
C MET B 97 -2.78 -14.96 17.10
C MET B 97 -2.82 -14.96 17.04
N ALA B 98 -2.18 -14.21 16.13
CA ALA B 98 -0.73 -14.28 15.90
C ALA B 98 0.08 -13.78 17.08
N VAL B 99 -0.35 -12.65 17.68
CA VAL B 99 0.36 -12.09 18.84
C VAL B 99 0.23 -13.01 20.06
N GLU B 100 -0.96 -13.63 20.26
CA GLU B 100 -1.19 -14.59 21.34
C GLU B 100 -0.33 -15.85 21.13
N ASP B 101 -0.24 -16.30 19.86
CA ASP B 101 0.59 -17.45 19.52
C ASP B 101 2.08 -17.15 19.79
N ALA B 102 2.51 -15.91 19.52
CA ALA B 102 3.89 -15.46 19.75
C ALA B 102 4.17 -15.22 21.24
N ASP B 103 3.12 -15.19 22.07
CA ASP B 103 3.18 -14.89 23.51
C ASP B 103 3.88 -13.53 23.72
N LEU B 104 3.59 -12.58 22.81
CA LEU B 104 4.23 -11.28 22.85
C LEU B 104 3.45 -10.31 23.69
N ASN B 105 4.12 -9.73 24.68
N ASN B 105 4.08 -9.72 24.71
CA ASN B 105 3.60 -8.68 25.53
CA ASN B 105 3.41 -8.74 25.57
C ASN B 105 4.32 -7.42 25.07
C ASN B 105 3.84 -7.33 25.22
N ILE B 106 3.58 -6.50 24.47
N ILE B 106 2.94 -6.59 24.55
CA ILE B 106 4.17 -5.27 23.94
CA ILE B 106 3.23 -5.21 24.12
C ILE B 106 4.31 -4.29 25.10
C ILE B 106 3.06 -4.26 25.29
N THR B 107 5.41 -4.41 25.87
N THR B 107 4.13 -3.53 25.59
CA THR B 107 5.71 -3.57 27.02
CA THR B 107 4.21 -2.59 26.70
C THR B 107 6.15 -2.17 26.56
C THR B 107 4.62 -1.23 26.20
N ASP B 108 6.14 -1.16 27.49
N ASP B 108 4.58 -0.22 27.08
CA ASP B 108 6.38 0.24 27.13
CA ASP B 108 5.04 1.13 26.71
C ASP B 108 7.60 0.55 26.29
C ASP B 108 6.53 1.12 26.34
N GLU B 109 8.77 0.02 26.67
N GLU B 109 7.31 0.20 26.91
CA GLU B 109 10.02 0.24 25.92
CA GLU B 109 8.75 0.09 26.67
C GLU B 109 10.04 -0.52 24.60
C GLU B 109 9.14 -0.43 25.29
N ILE B 110 9.12 -1.48 24.43
N ILE B 110 8.53 -1.56 24.84
CA ILE B 110 9.04 -2.23 23.19
CA ILE B 110 8.85 -2.22 23.56
C ILE B 110 7.97 -1.69 22.21
C ILE B 110 8.03 -1.62 22.38
N ALA B 111 6.89 -0.99 22.69
CA ALA B 111 5.89 -0.43 21.75
C ALA B 111 6.47 0.34 20.55
N PRO B 112 7.45 1.27 20.72
CA PRO B 112 7.98 1.99 19.52
C PRO B 112 8.79 1.10 18.58
N ARG B 113 9.11 -0.13 19.00
CA ARG B 113 9.90 -1.08 18.22
C ARG B 113 9.04 -2.19 17.64
N VAL B 114 7.70 -2.10 17.82
CA VAL B 114 6.75 -3.09 17.29
C VAL B 114 5.90 -2.35 16.25
N GLY B 115 6.00 -2.78 15.01
CA GLY B 115 5.23 -2.17 13.91
C GLY B 115 4.21 -3.10 13.31
N VAL B 116 3.45 -2.58 12.36
CA VAL B 116 2.38 -3.33 11.70
C VAL B 116 2.42 -3.02 10.21
N TRP B 117 2.40 -4.08 9.38
CA TRP B 117 2.43 -3.89 7.92
C TRP B 117 1.50 -4.93 7.32
N VAL B 118 0.21 -4.58 7.22
CA VAL B 118 -0.81 -5.51 6.74
C VAL B 118 -1.47 -4.87 5.54
N GLY B 119 -1.56 -5.62 4.45
CA GLY B 119 -2.17 -5.08 3.26
C GLY B 119 -3.53 -5.69 2.97
N SER B 120 -4.23 -5.08 2.04
CA SER B 120 -5.49 -5.61 1.52
C SER B 120 -5.56 -5.18 0.06
N GLY B 121 -6.10 -6.02 -0.82
CA GLY B 121 -6.20 -5.65 -2.25
C GLY B 121 -7.33 -4.68 -2.51
N PHE B 122 -8.48 -4.87 -1.79
CA PHE B 122 -9.67 -4.04 -1.97
C PHE B 122 -10.07 -3.22 -0.76
N GLY B 123 -9.62 -3.59 0.44
CA GLY B 123 -10.13 -2.88 1.60
C GLY B 123 -11.63 -3.11 1.77
N GLY B 124 -12.30 -2.09 2.27
CA GLY B 124 -13.70 -2.19 2.65
C GLY B 124 -14.67 -2.00 1.53
N LEU B 125 -14.58 -2.85 0.51
CA LEU B 125 -15.49 -2.72 -0.65
C LEU B 125 -16.96 -2.90 -0.28
N GLU B 126 -17.27 -3.83 0.62
CA GLU B 126 -18.67 -4.00 1.07
C GLU B 126 -19.19 -2.70 1.70
N THR B 127 -18.38 -2.06 2.57
CA THR B 127 -18.79 -0.79 3.22
C THR B 127 -18.97 0.29 2.14
N LEU B 128 -18.05 0.38 1.17
CA LEU B 128 -18.19 1.39 0.13
C LEU B 128 -19.49 1.18 -0.67
N GLU B 129 -19.78 -0.07 -1.04
CA GLU B 129 -21.03 -0.34 -1.78
C GLU B 129 -22.26 0.03 -0.94
N SER B 130 -22.29 -0.38 0.36
CA SER B 130 -23.49 -0.11 1.16
CA SER B 130 -23.44 -0.12 1.23
C SER B 130 -23.65 1.38 1.46
N GLN B 131 -22.55 2.09 1.72
CA GLN B 131 -22.63 3.51 2.01
C GLN B 131 -22.95 4.31 0.77
N PHE B 132 -22.46 3.90 -0.41
CA PHE B 132 -22.83 4.62 -1.62
C PHE B 132 -24.31 4.35 -1.97
N GLU B 133 -24.81 3.13 -1.73
CA GLU B 133 -26.23 2.87 -1.98
C GLU B 133 -27.10 3.75 -1.05
N ILE B 134 -26.64 3.97 0.20
CA ILE B 134 -27.33 4.88 1.14
C ILE B 134 -27.26 6.33 0.61
N PHE B 135 -26.10 6.76 0.13
CA PHE B 135 -25.97 8.09 -0.46
C PHE B 135 -27.01 8.28 -1.61
N LEU B 136 -27.13 7.28 -2.50
CA LEU B 136 -28.03 7.36 -3.64
C LEU B 136 -29.49 7.40 -3.27
N THR B 137 -29.87 6.64 -2.23
CA THR B 137 -31.27 6.49 -1.84
C THR B 137 -31.73 7.44 -0.75
N LYS B 138 -30.84 7.80 0.19
CA LYS B 138 -31.18 8.64 1.34
C LYS B 138 -30.45 10.00 1.37
N GLY B 139 -29.42 10.14 0.55
CA GLY B 139 -28.67 11.39 0.50
C GLY B 139 -27.41 11.40 1.34
N PRO B 140 -26.53 12.40 1.11
CA PRO B 140 -25.25 12.44 1.82
C PRO B 140 -25.32 12.60 3.35
N ARG B 141 -26.41 13.17 3.93
CA ARG B 141 -26.46 13.28 5.40
C ARG B 141 -26.60 11.93 6.08
N ARG B 142 -26.98 10.89 5.30
CA ARG B 142 -27.15 9.56 5.88
C ARG B 142 -25.87 8.73 5.77
N VAL B 143 -24.80 9.29 5.16
CA VAL B 143 -23.53 8.60 5.07
C VAL B 143 -22.87 8.64 6.45
N SER B 144 -22.37 7.48 6.89
CA SER B 144 -21.82 7.37 8.23
C SER B 144 -20.58 8.24 8.45
N PRO B 145 -20.41 8.87 9.64
CA PRO B 145 -19.12 9.52 9.93
C PRO B 145 -17.97 8.51 9.93
N PHE B 146 -18.27 7.19 10.05
CA PHE B 146 -17.24 6.16 10.06
C PHE B 146 -16.94 5.58 8.67
N PHE B 147 -17.63 6.06 7.63
CA PHE B 147 -17.47 5.51 6.28
C PHE B 147 -16.03 5.54 5.81
N VAL B 148 -15.39 6.70 5.83
CA VAL B 148 -14.02 6.79 5.31
C VAL B 148 -13.05 5.85 6.05
N PRO B 149 -12.91 5.94 7.39
CA PRO B 149 -12.03 5.00 8.07
C PRO B 149 -12.42 3.55 7.89
N MET B 150 -13.72 3.24 7.77
CA MET B 150 -14.06 1.83 7.59
C MET B 150 -13.70 1.25 6.25
N MET B 151 -13.74 2.08 5.19
N MET B 151 -13.73 2.04 5.18
CA MET B 151 -13.51 1.61 3.81
CA MET B 151 -13.46 1.46 3.86
C MET B 151 -12.05 1.52 3.36
C MET B 151 -11.98 1.40 3.45
N ILE B 152 -11.17 2.37 3.92
CA ILE B 152 -9.79 2.43 3.42
C ILE B 152 -8.94 1.24 3.79
N PRO B 153 -8.09 0.75 2.85
CA PRO B 153 -7.34 -0.48 3.16
C PRO B 153 -6.38 -0.39 4.32
N ASP B 154 -5.89 0.82 4.60
CA ASP B 154 -4.94 1.01 5.70
C ASP B 154 -5.58 0.90 7.07
N MET B 155 -6.93 0.73 7.15
N MET B 155 -6.90 0.75 7.16
CA MET B 155 -7.64 0.56 8.41
CA MET B 155 -7.42 0.63 8.50
C MET B 155 -7.33 -0.77 9.07
C MET B 155 -7.37 -0.78 9.09
N ALA B 156 -6.87 -1.77 8.31
CA ALA B 156 -6.54 -3.05 8.92
C ALA B 156 -5.27 -2.80 9.78
N THR B 157 -4.23 -2.19 9.20
CA THR B 157 -3.06 -1.79 9.99
C THR B 157 -3.46 -0.82 11.11
N GLY B 158 -4.31 0.17 10.80
CA GLY B 158 -4.69 1.15 11.83
C GLY B 158 -5.39 0.54 13.03
N GLN B 159 -6.35 -0.36 12.79
CA GLN B 159 -7.08 -1.01 13.90
C GLN B 159 -6.21 -2.03 14.64
N ILE B 160 -5.36 -2.78 13.89
CA ILE B 160 -4.45 -3.70 14.58
C ILE B 160 -3.50 -2.89 15.49
N SER B 161 -2.95 -1.77 14.99
N SER B 161 -2.96 -1.76 14.98
CA SER B 161 -2.03 -0.95 15.79
CA SER B 161 -2.04 -0.93 15.76
C SER B 161 -2.70 -0.48 17.10
C SER B 161 -2.70 -0.49 17.07
N ILE B 162 -3.95 0.00 17.01
CA ILE B 162 -4.69 0.46 18.19
C ILE B 162 -4.92 -0.72 19.15
N ALA B 163 -5.37 -1.87 18.60
CA ALA B 163 -5.64 -3.04 19.46
C ALA B 163 -4.41 -3.54 20.21
N LEU B 164 -3.23 -3.49 19.56
CA LEU B 164 -1.99 -4.02 20.12
C LEU B 164 -1.13 -3.02 20.86
N GLY B 165 -1.32 -1.73 20.60
CA GLY B 165 -0.47 -0.66 21.11
C GLY B 165 0.87 -0.65 20.40
N ALA B 166 0.90 -1.01 19.10
CA ALA B 166 2.12 -1.06 18.30
C ALA B 166 2.39 0.31 17.72
N LYS B 167 3.52 0.90 18.13
CA LYS B 167 3.83 2.30 17.80
C LYS B 167 5.00 2.47 16.81
N GLY B 168 5.51 1.36 16.29
CA GLY B 168 6.64 1.39 15.38
C GLY B 168 6.25 1.60 13.93
N VAL B 169 7.16 1.22 13.02
CA VAL B 169 6.97 1.38 11.57
C VAL B 169 5.64 0.80 11.15
N ASN B 170 4.87 1.58 10.38
CA ASN B 170 3.59 1.06 9.96
C ASN B 170 3.25 1.43 8.57
N SER B 171 2.64 0.47 7.87
CA SER B 171 2.28 0.74 6.50
C SER B 171 1.21 -0.24 6.05
N CYS B 172 0.80 -0.08 4.80
CA CYS B 172 -0.17 -0.93 4.15
C CYS B 172 0.20 -0.96 2.69
N THR B 173 0.45 -2.17 2.17
CA THR B 173 0.75 -2.36 0.75
C THR B 173 -0.52 -2.84 0.07
N VAL B 174 -0.80 -2.29 -1.13
CA VAL B 174 -1.96 -2.72 -1.90
C VAL B 174 -1.41 -3.07 -3.28
N THR B 175 -1.25 -4.37 -3.60
CA THR B 175 -0.68 -4.80 -4.86
C THR B 175 -1.46 -6.01 -5.37
N ALA B 176 -2.82 -5.95 -5.32
CA ALA B 176 -3.68 -7.02 -5.83
C ALA B 176 -3.24 -8.38 -5.22
N CYS B 177 -3.07 -9.43 -6.06
CA CYS B 177 -2.73 -10.77 -5.56
C CYS B 177 -1.41 -10.85 -4.87
N ALA B 178 -0.52 -9.88 -5.10
CA ALA B 178 0.82 -9.89 -4.47
C ALA B 178 0.82 -9.25 -3.08
N THR B 179 -0.31 -8.65 -2.66
CA THR B 179 -0.38 -7.87 -1.44
C THR B 179 0.21 -8.54 -0.21
N GLY B 180 -0.24 -9.75 0.10
CA GLY B 180 0.23 -10.41 1.34
C GLY B 180 1.71 -10.71 1.34
N THR B 181 2.23 -11.10 0.16
CA THR B 181 3.64 -11.45 0.00
C THR B 181 4.51 -10.17 0.05
N ASN B 182 4.07 -9.10 -0.66
CA ASN B 182 4.81 -7.83 -0.58
C ASN B 182 4.81 -7.32 0.85
N SER B 183 3.67 -7.39 1.56
CA SER B 183 3.60 -6.84 2.92
C SER B 183 4.60 -7.53 3.84
N ILE B 184 4.63 -8.86 3.77
CA ILE B 184 5.58 -9.61 4.62
C ILE B 184 7.03 -9.29 4.21
N GLY B 185 7.30 -9.21 2.90
CA GLY B 185 8.65 -8.88 2.45
C GLY B 185 9.09 -7.51 2.92
N ASP B 186 8.19 -6.54 2.83
CA ASP B 186 8.51 -5.18 3.23
C ASP B 186 8.75 -5.12 4.75
N ALA B 187 7.95 -5.87 5.54
CA ALA B 187 8.12 -5.92 7.01
C ALA B 187 9.47 -6.59 7.35
N PHE B 188 9.82 -7.64 6.58
CA PHE B 188 11.11 -8.33 6.74
C PHE B 188 12.25 -7.32 6.51
N LYS B 189 12.14 -6.46 5.48
CA LYS B 189 13.17 -5.46 5.21
C LYS B 189 13.28 -4.40 6.31
N VAL B 190 12.15 -4.02 6.94
CA VAL B 190 12.18 -3.07 8.04
C VAL B 190 13.03 -3.65 9.19
N ILE B 191 12.77 -4.91 9.56
CA ILE B 191 13.53 -5.51 10.67
C ILE B 191 14.99 -5.73 10.26
N GLN B 192 15.22 -6.21 9.02
CA GLN B 192 16.58 -6.50 8.56
C GLN B 192 17.50 -5.26 8.64
N ARG B 193 16.96 -4.06 8.34
CA ARG B 193 17.75 -2.84 8.40
C ARG B 193 17.80 -2.21 9.79
N GLY B 194 17.13 -2.82 10.77
CA GLY B 194 17.18 -2.39 12.16
C GLY B 194 16.13 -1.40 12.61
N ASP B 195 15.07 -1.16 11.79
CA ASP B 195 14.06 -0.15 12.09
C ASP B 195 12.89 -0.56 12.95
N ALA B 196 12.81 -1.86 13.23
CA ALA B 196 11.84 -2.42 14.19
C ALA B 196 12.37 -3.74 14.73
N ASP B 197 11.94 -4.13 15.93
CA ASP B 197 12.30 -5.43 16.49
C ASP B 197 11.22 -6.46 16.18
N VAL B 198 9.95 -6.02 16.01
CA VAL B 198 8.84 -6.93 15.77
C VAL B 198 7.96 -6.26 14.71
N MET B 199 7.41 -7.05 13.79
CA MET B 199 6.43 -6.56 12.81
C MET B 199 5.29 -7.56 12.73
N VAL B 200 4.05 -7.08 12.89
CA VAL B 200 2.84 -7.91 12.74
C VAL B 200 2.44 -7.65 11.29
N THR B 201 2.48 -8.68 10.45
CA THR B 201 2.36 -8.44 9.01
C THR B 201 1.66 -9.53 8.25
N GLY B 202 1.09 -9.18 7.10
CA GLY B 202 0.42 -10.17 6.26
C GLY B 202 -0.60 -9.50 5.38
N GLY B 203 -1.68 -10.21 5.12
CA GLY B 203 -2.72 -9.69 4.22
C GLY B 203 -4.10 -10.11 4.68
N THR B 204 -5.09 -9.31 4.29
CA THR B 204 -6.49 -9.56 4.65
C THR B 204 -7.36 -9.21 3.48
N GLU B 205 -8.47 -9.94 3.33
CA GLU B 205 -9.38 -9.61 2.22
C GLU B 205 -10.77 -10.14 2.52
N ALA B 206 -11.79 -9.32 2.20
CA ALA B 206 -13.18 -9.75 2.28
C ALA B 206 -13.77 -9.31 0.92
N PRO B 207 -13.41 -10.06 -0.15
CA PRO B 207 -13.78 -9.62 -1.51
C PRO B 207 -15.06 -10.24 -2.03
N LEU B 208 -15.80 -10.96 -1.19
CA LEU B 208 -17.04 -11.59 -1.66
C LEU B 208 -18.15 -10.56 -1.60
N THR B 209 -18.18 -9.70 -2.62
CA THR B 209 -19.15 -8.62 -2.69
C THR B 209 -19.75 -8.55 -4.07
N ARG B 210 -20.85 -7.81 -4.20
CA ARG B 210 -21.52 -7.65 -5.49
C ARG B 210 -20.58 -7.14 -6.59
N MET B 211 -19.85 -6.05 -6.31
CA MET B 211 -18.96 -5.47 -7.34
C MET B 211 -17.75 -6.32 -7.65
N SER B 212 -17.21 -7.00 -6.63
CA SER B 212 -16.03 -7.87 -6.88
C SER B 212 -16.44 -9.06 -7.74
N PHE B 213 -17.57 -9.71 -7.42
CA PHE B 213 -18.03 -10.81 -8.29
C PHE B 213 -18.38 -10.30 -9.68
N ALA B 214 -19.05 -9.14 -9.76
CA ALA B 214 -19.41 -8.59 -11.07
C ALA B 214 -18.13 -8.27 -11.87
N GLY B 215 -17.14 -7.65 -11.21
CA GLY B 215 -15.91 -7.23 -11.86
C GLY B 215 -15.04 -8.37 -12.36
N PHE B 216 -14.82 -9.39 -11.52
CA PHE B 216 -13.98 -10.53 -11.95
C PHE B 216 -14.71 -11.48 -12.86
N SER B 217 -16.06 -11.39 -12.96
CA SER B 217 -16.82 -12.14 -13.96
C SER B 217 -16.73 -11.37 -15.29
N ALA B 218 -16.85 -10.02 -15.22
CA ALA B 218 -16.86 -9.19 -16.43
C ALA B 218 -15.59 -9.33 -17.23
N ASN B 219 -14.43 -9.50 -16.55
CA ASN B 219 -13.17 -9.66 -17.27
C ASN B 219 -12.77 -11.14 -17.40
N LYS B 220 -13.71 -12.05 -17.09
CA LYS B 220 -13.56 -13.50 -17.28
C LYS B 220 -12.44 -14.12 -16.45
N ALA B 221 -11.99 -13.47 -15.37
CA ALA B 221 -10.92 -14.08 -14.57
C ALA B 221 -11.45 -15.27 -13.76
N LEU B 222 -12.69 -15.18 -13.27
CA LEU B 222 -13.28 -16.24 -12.46
C LEU B 222 -13.66 -17.45 -13.27
N SER B 223 -13.54 -18.62 -12.63
CA SER B 223 -14.03 -19.85 -13.22
C SER B 223 -15.57 -19.77 -13.15
N THR B 224 -16.22 -20.21 -14.26
CA THR B 224 -17.69 -20.28 -14.31
C THR B 224 -18.13 -21.71 -13.99
N ASN B 225 -17.19 -22.57 -13.58
CA ASN B 225 -17.48 -23.97 -13.27
C ASN B 225 -18.43 -24.05 -12.06
N PRO B 226 -19.69 -24.56 -12.21
CA PRO B 226 -20.63 -24.58 -11.07
C PRO B 226 -20.39 -25.74 -10.12
N ASP B 227 -19.48 -26.67 -10.47
CA ASP B 227 -19.19 -27.83 -9.64
C ASP B 227 -18.08 -27.50 -8.63
N PRO B 228 -18.41 -27.43 -7.32
CA PRO B 228 -17.36 -27.14 -6.33
C PRO B 228 -16.29 -28.21 -6.23
N LYS B 229 -16.57 -29.44 -6.70
CA LYS B 229 -15.59 -30.52 -6.65
C LYS B 229 -14.44 -30.34 -7.64
N THR B 230 -14.65 -29.59 -8.73
CA THR B 230 -13.64 -29.44 -9.77
C THR B 230 -13.33 -27.98 -10.12
N ALA B 231 -13.99 -27.01 -9.48
CA ALA B 231 -13.80 -25.62 -9.91
C ALA B 231 -12.34 -25.12 -9.81
N SER B 232 -11.69 -25.31 -8.64
CA SER B 232 -10.31 -24.88 -8.50
C SER B 232 -9.44 -26.08 -8.74
N ARG B 233 -8.72 -26.10 -9.85
CA ARG B 233 -7.90 -27.26 -10.23
C ARG B 233 -6.61 -26.77 -10.90
N PRO B 234 -5.71 -26.16 -10.09
CA PRO B 234 -4.47 -25.60 -10.65
C PRO B 234 -3.67 -26.67 -11.36
N PHE B 235 -3.12 -26.30 -12.53
CA PHE B 235 -2.28 -27.17 -13.39
C PHE B 235 -3.06 -28.24 -14.16
N ASP B 236 -4.39 -28.35 -13.94
CA ASP B 236 -5.21 -29.32 -14.66
C ASP B 236 -5.45 -28.80 -16.09
N LYS B 237 -5.51 -29.72 -17.06
CA LYS B 237 -5.74 -29.30 -18.45
C LYS B 237 -7.05 -28.51 -18.64
N ASN B 238 -8.06 -28.81 -17.81
CA ASN B 238 -9.39 -28.21 -17.89
C ASN B 238 -9.63 -27.03 -16.99
N ARG B 239 -8.57 -26.51 -16.34
CA ARG B 239 -8.71 -25.31 -15.53
C ARG B 239 -9.28 -24.17 -16.37
N ASP B 240 -10.09 -23.33 -15.73
CA ASP B 240 -10.80 -22.29 -16.49
C ASP B 240 -10.99 -20.98 -15.72
N GLY B 241 -10.12 -20.72 -14.74
CA GLY B 241 -10.21 -19.48 -13.97
C GLY B 241 -10.13 -19.70 -12.48
N PHE B 242 -9.97 -18.61 -11.72
CA PHE B 242 -9.82 -18.78 -10.29
C PHE B 242 -11.14 -18.85 -9.53
N VAL B 243 -11.10 -19.38 -8.29
CA VAL B 243 -12.24 -19.41 -7.39
C VAL B 243 -11.92 -18.42 -6.29
N MET B 244 -12.81 -17.43 -6.08
CA MET B 244 -12.56 -16.37 -5.09
CA MET B 244 -12.56 -16.37 -5.09
C MET B 244 -12.76 -16.85 -3.65
N GLY B 245 -11.85 -16.43 -2.77
CA GLY B 245 -11.91 -16.77 -1.36
C GLY B 245 -11.76 -15.55 -0.47
N GLU B 246 -11.81 -15.76 0.83
CA GLU B 246 -11.69 -14.65 1.78
C GLU B 246 -10.92 -15.11 3.01
N GLY B 247 -10.41 -14.14 3.78
CA GLY B 247 -9.77 -14.44 5.05
C GLY B 247 -8.61 -13.52 5.33
N ALA B 248 -7.72 -13.95 6.25
CA ALA B 248 -6.55 -13.17 6.59
C ALA B 248 -5.45 -14.10 7.06
N GLY B 249 -4.22 -13.79 6.68
CA GLY B 249 -3.06 -14.56 7.14
C GLY B 249 -2.07 -13.55 7.68
N ILE B 250 -1.77 -13.62 9.00
CA ILE B 250 -0.91 -12.64 9.68
C ILE B 250 0.16 -13.39 10.45
N ILE B 251 1.38 -12.90 10.36
CA ILE B 251 2.49 -13.52 11.09
C ILE B 251 3.23 -12.46 11.90
N VAL B 252 3.96 -12.93 12.91
CA VAL B 252 4.78 -12.03 13.71
C VAL B 252 6.22 -12.29 13.28
N LEU B 253 6.87 -11.27 12.71
CA LEU B 253 8.29 -11.33 12.36
C LEU B 253 9.04 -10.67 13.49
N GLU B 254 10.23 -11.17 13.79
CA GLU B 254 10.99 -10.64 14.93
C GLU B 254 12.49 -10.72 14.71
N GLU B 255 13.23 -9.69 15.14
CA GLU B 255 14.70 -9.72 15.07
C GLU B 255 15.17 -10.88 15.99
N LEU B 256 16.13 -11.67 15.48
CA LEU B 256 16.56 -12.89 16.15
C LEU B 256 17.01 -12.73 17.60
N GLU B 257 17.91 -11.76 17.88
CA GLU B 257 18.43 -11.58 19.22
C GLU B 257 17.30 -11.22 20.21
N HIS B 258 16.34 -10.42 19.74
CA HIS B 258 15.16 -10.04 20.51
C HIS B 258 14.29 -11.28 20.81
N ALA B 259 14.02 -12.11 19.79
CA ALA B 259 13.22 -13.33 19.97
C ALA B 259 13.85 -14.23 21.02
N LEU B 260 15.18 -14.41 20.93
CA LEU B 260 15.91 -15.23 21.87
C LEU B 260 15.85 -14.66 23.29
N ALA B 261 15.99 -13.33 23.42
CA ALA B 261 15.97 -12.70 24.75
C ALA B 261 14.61 -12.88 25.44
N ARG B 262 13.52 -12.89 24.64
CA ARG B 262 12.23 -13.06 25.28
C ARG B 262 11.74 -14.50 25.32
N GLY B 263 12.61 -15.44 24.92
CA GLY B 263 12.31 -16.87 24.96
C GLY B 263 11.21 -17.29 23.99
N ALA B 264 11.07 -16.56 22.87
CA ALA B 264 10.05 -16.84 21.88
C ALA B 264 10.25 -18.21 21.22
N LYS B 265 9.15 -18.83 20.76
CA LYS B 265 9.28 -20.05 19.96
C LYS B 265 9.53 -19.55 18.53
N ILE B 266 10.34 -20.28 17.77
CA ILE B 266 10.69 -19.89 16.41
C ILE B 266 10.24 -20.95 15.42
N TYR B 267 9.41 -20.54 14.46
CA TYR B 267 8.91 -21.45 13.43
C TYR B 267 9.91 -21.65 12.29
N GLY B 268 10.63 -20.58 11.96
CA GLY B 268 11.58 -20.57 10.86
C GLY B 268 12.12 -19.18 10.65
N GLU B 269 12.91 -19.02 9.60
CA GLU B 269 13.55 -17.76 9.30
C GLU B 269 13.13 -17.25 7.91
N ILE B 270 12.93 -15.95 7.76
CA ILE B 270 12.67 -15.38 6.45
C ILE B 270 14.03 -14.90 5.93
N VAL B 271 14.39 -15.32 4.70
CA VAL B 271 15.73 -15.04 4.18
C VAL B 271 15.80 -14.33 2.82
N GLY B 272 14.73 -14.37 2.05
CA GLY B 272 14.80 -13.73 0.75
C GLY B 272 13.48 -13.14 0.33
N TYR B 273 13.56 -12.03 -0.43
CA TYR B 273 12.38 -11.32 -0.93
C TYR B 273 12.76 -10.72 -2.29
N GLY B 274 11.90 -10.95 -3.27
CA GLY B 274 12.09 -10.41 -4.62
C GLY B 274 10.83 -9.73 -5.08
N SER B 275 10.98 -8.59 -5.76
CA SER B 275 9.82 -7.82 -6.28
C SER B 275 10.19 -7.33 -7.69
N THR B 276 9.34 -7.65 -8.70
CA THR B 276 9.54 -7.15 -10.06
C THR B 276 8.19 -6.77 -10.65
N GLY B 277 8.25 -6.06 -11.77
CA GLY B 277 7.07 -5.69 -12.53
C GLY B 277 7.18 -6.22 -13.94
N ASP B 278 6.05 -6.68 -14.53
CA ASP B 278 6.04 -7.19 -15.91
C ASP B 278 6.12 -6.03 -16.92
N ALA B 279 5.54 -4.85 -16.57
CA ALA B 279 5.45 -3.68 -17.47
C ALA B 279 4.85 -4.10 -18.82
N TYR B 280 3.82 -4.94 -18.75
CA TYR B 280 3.22 -5.52 -19.96
C TYR B 280 1.78 -5.15 -20.23
N HIS B 281 0.88 -5.50 -19.30
CA HIS B 281 -0.55 -5.36 -19.52
C HIS B 281 -1.24 -5.23 -18.18
N ILE B 282 -2.37 -4.50 -18.16
CA ILE B 282 -3.14 -4.27 -16.94
C ILE B 282 -3.62 -5.51 -16.21
N THR B 283 -3.93 -6.60 -16.96
CA THR B 283 -4.45 -7.81 -16.32
C THR B 283 -3.78 -9.09 -16.81
N ALA B 284 -3.30 -9.10 -18.08
CA ALA B 284 -2.72 -10.31 -18.66
C ALA B 284 -1.30 -10.53 -18.17
N PRO B 285 -0.98 -11.77 -17.73
CA PRO B 285 0.41 -12.05 -17.32
C PRO B 285 1.38 -12.01 -18.49
N ALA B 286 2.62 -11.56 -18.24
CA ALA B 286 3.65 -11.47 -19.27
C ALA B 286 3.97 -12.83 -19.85
N GLN B 287 4.30 -12.84 -21.15
CA GLN B 287 4.64 -14.04 -21.89
C GLN B 287 5.74 -14.83 -21.19
N ASP B 288 5.52 -16.14 -21.06
CA ASP B 288 6.41 -17.15 -20.53
C ASP B 288 6.83 -16.95 -19.06
N GLY B 289 6.09 -16.11 -18.32
CA GLY B 289 6.38 -15.85 -16.91
C GLY B 289 7.72 -15.17 -16.66
N GLU B 290 8.17 -14.33 -17.60
CA GLU B 290 9.49 -13.70 -17.49
C GLU B 290 9.66 -12.85 -16.22
N GLY B 291 8.61 -12.11 -15.86
CA GLY B 291 8.63 -11.25 -14.68
C GLY B 291 8.69 -12.08 -13.41
N GLY B 292 7.87 -13.14 -13.37
CA GLY B 292 7.87 -14.08 -12.25
C GLY B 292 9.22 -14.75 -12.08
N ALA B 293 9.86 -15.13 -13.20
CA ALA B 293 11.20 -15.72 -13.14
C ALA B 293 12.19 -14.73 -12.51
N ARG B 294 12.16 -13.45 -12.94
CA ARG B 294 13.04 -12.43 -12.37
C ARG B 294 12.78 -12.21 -10.87
N ALA B 295 11.51 -12.25 -10.42
CA ALA B 295 11.22 -12.08 -8.98
C ALA B 295 11.80 -13.26 -8.18
N MET B 296 11.65 -14.50 -8.71
CA MET B 296 12.22 -15.67 -8.02
C MET B 296 13.74 -15.55 -7.95
N GLN B 297 14.38 -15.12 -9.06
CA GLN B 297 15.83 -14.95 -9.10
C GLN B 297 16.30 -13.87 -8.13
N GLU B 298 15.52 -12.75 -8.00
CA GLU B 298 15.89 -11.71 -7.04
C GLU B 298 15.80 -12.24 -5.61
N ALA B 299 14.76 -13.04 -5.29
CA ALA B 299 14.60 -13.62 -3.94
C ALA B 299 15.75 -14.59 -3.63
N ILE B 300 16.14 -15.42 -4.62
CA ILE B 300 17.25 -16.39 -4.48
C ILE B 300 18.56 -15.64 -4.20
N LYS B 301 18.81 -14.56 -4.97
CA LYS B 301 20.00 -13.70 -4.81
C LYS B 301 20.00 -13.05 -3.43
N ASP B 302 18.82 -12.55 -2.98
CA ASP B 302 18.69 -11.94 -1.66
C ASP B 302 19.01 -12.94 -0.54
N ALA B 303 18.57 -14.21 -0.70
CA ALA B 303 18.83 -15.27 0.27
C ALA B 303 20.29 -15.79 0.25
N GLY B 304 21.03 -15.46 -0.82
CA GLY B 304 22.43 -15.87 -0.98
C GLY B 304 22.60 -17.36 -1.18
N ILE B 305 21.61 -18.00 -1.83
CA ILE B 305 21.62 -19.45 -2.06
C ILE B 305 21.68 -19.80 -3.54
N ALA B 306 21.94 -21.09 -3.84
CA ALA B 306 21.88 -21.59 -5.20
C ALA B 306 20.42 -22.01 -5.43
N PRO B 307 19.89 -21.92 -6.67
CA PRO B 307 18.50 -22.36 -6.91
C PRO B 307 18.20 -23.80 -6.47
N GLU B 308 19.20 -24.70 -6.56
CA GLU B 308 19.08 -26.11 -6.17
C GLU B 308 18.77 -26.31 -4.70
N GLU B 309 18.93 -25.26 -3.87
CA GLU B 309 18.65 -25.34 -2.43
C GLU B 309 17.16 -25.27 -2.12
N ILE B 310 16.32 -24.84 -3.10
CA ILE B 310 14.87 -24.79 -2.89
C ILE B 310 14.31 -26.19 -2.94
N ASP B 311 13.57 -26.59 -1.89
CA ASP B 311 12.97 -27.93 -1.83
C ASP B 311 11.52 -27.94 -2.26
N TYR B 312 10.81 -26.85 -1.99
CA TYR B 312 9.39 -26.79 -2.26
C TYR B 312 8.99 -25.39 -2.63
N ILE B 313 8.13 -25.29 -3.66
CA ILE B 313 7.56 -24.02 -4.08
C ILE B 313 6.07 -24.03 -3.80
N ASN B 314 5.59 -23.08 -2.99
CA ASN B 314 4.16 -22.88 -2.81
C ASN B 314 3.83 -21.92 -3.94
N ALA B 315 3.27 -22.46 -5.01
CA ALA B 315 2.98 -21.72 -6.22
C ALA B 315 1.92 -20.65 -6.03
N HIS B 316 1.90 -19.68 -6.93
CA HIS B 316 0.79 -18.75 -6.96
C HIS B 316 -0.44 -19.59 -7.43
N GLY B 317 -0.26 -20.40 -8.49
CA GLY B 317 -1.20 -21.41 -8.96
C GLY B 317 -2.67 -21.12 -8.76
N THR B 318 -3.16 -20.09 -9.44
CA THR B 318 -4.54 -19.64 -9.29
C THR B 318 -5.60 -20.45 -10.05
N SER B 319 -5.21 -21.38 -10.93
CA SER B 319 -6.15 -22.16 -11.74
C SER B 319 -6.65 -21.40 -12.96
N THR B 320 -5.95 -20.31 -13.37
CA THR B 320 -6.26 -19.70 -14.67
C THR B 320 -5.35 -20.39 -15.67
N TYR B 321 -5.75 -20.39 -16.95
CA TYR B 321 -4.91 -21.01 -17.98
C TYR B 321 -3.52 -20.39 -18.03
N TYR B 322 -3.45 -19.07 -18.18
CA TYR B 322 -2.16 -18.42 -18.31
C TYR B 322 -1.31 -18.36 -17.06
N ASN B 323 -1.90 -18.19 -15.86
CA ASN B 323 -1.02 -18.17 -14.69
C ASN B 323 -0.29 -19.48 -14.56
N ASP B 324 -1.02 -20.61 -14.57
CA ASP B 324 -0.39 -21.89 -14.27
C ASP B 324 0.62 -22.32 -15.32
N LYS B 325 0.34 -22.01 -16.59
CA LYS B 325 1.25 -22.30 -17.70
C LYS B 325 2.53 -21.45 -17.57
N TYR B 326 2.37 -20.12 -17.37
CA TYR B 326 3.50 -19.21 -17.28
C TYR B 326 4.29 -19.40 -15.99
N GLU B 327 3.61 -19.76 -14.87
CA GLU B 327 4.36 -20.00 -13.64
C GLU B 327 5.22 -21.26 -13.79
N THR B 328 4.69 -22.31 -14.45
CA THR B 328 5.46 -23.52 -14.72
C THR B 328 6.68 -23.14 -15.58
N MET B 329 6.47 -22.31 -16.63
CA MET B 329 7.58 -21.89 -17.51
C MET B 329 8.62 -21.11 -16.70
N ALA B 330 8.18 -20.20 -15.81
CA ALA B 330 9.10 -19.40 -15.00
C ALA B 330 9.92 -20.30 -14.09
N ILE B 331 9.29 -21.32 -13.46
CA ILE B 331 10.02 -22.28 -12.60
C ILE B 331 11.11 -23.01 -13.41
N LYS B 332 10.79 -23.44 -14.64
CA LYS B 332 11.78 -24.10 -15.49
C LYS B 332 12.92 -23.15 -15.84
N THR B 333 12.62 -21.88 -16.12
CA THR B 333 13.66 -20.89 -16.45
C THR B 333 14.63 -20.70 -15.28
N VAL B 334 14.09 -20.52 -14.06
CA VAL B 334 14.92 -20.27 -12.90
C VAL B 334 15.69 -21.50 -12.43
N PHE B 335 15.02 -22.66 -12.39
CA PHE B 335 15.58 -23.87 -11.80
C PHE B 335 16.25 -24.86 -12.73
N GLY B 336 16.05 -24.70 -14.04
CA GLY B 336 16.66 -25.62 -15.01
C GLY B 336 16.27 -27.06 -14.74
N GLU B 337 17.25 -27.97 -14.70
CA GLU B 337 16.96 -29.39 -14.43
C GLU B 337 16.37 -29.62 -13.03
N HIS B 338 16.70 -28.73 -12.06
CA HIS B 338 16.18 -28.82 -10.69
C HIS B 338 14.65 -28.60 -10.63
N ALA B 339 14.05 -28.00 -11.68
CA ALA B 339 12.59 -27.79 -11.72
C ALA B 339 11.84 -29.12 -11.63
N HIS B 340 12.43 -30.22 -12.15
CA HIS B 340 11.81 -31.54 -12.08
C HIS B 340 12.20 -32.31 -10.82
N LYS B 341 13.06 -31.72 -9.96
CA LYS B 341 13.51 -32.39 -8.73
C LYS B 341 12.79 -31.84 -7.50
N LEU B 342 12.50 -30.53 -7.48
CA LEU B 342 11.78 -29.97 -6.35
C LEU B 342 10.28 -30.30 -6.44
N ALA B 343 9.54 -30.01 -5.36
CA ALA B 343 8.10 -30.23 -5.29
C ALA B 343 7.42 -28.87 -5.44
N VAL B 344 6.28 -28.83 -6.13
CA VAL B 344 5.52 -27.58 -6.30
C VAL B 344 4.10 -27.92 -5.87
N SER B 345 3.41 -27.03 -5.18
CA SER B 345 1.99 -27.27 -4.98
C SER B 345 1.21 -25.98 -4.91
N SER B 346 -0.07 -26.02 -5.28
CA SER B 346 -0.92 -24.86 -5.12
C SER B 346 -1.97 -25.19 -4.07
N THR B 347 -1.91 -24.50 -2.95
CA THR B 347 -2.90 -24.66 -1.89
C THR B 347 -4.20 -23.92 -2.24
N LYS B 348 -4.19 -23.13 -3.35
CA LYS B 348 -5.43 -22.49 -3.83
C LYS B 348 -6.39 -23.57 -4.37
N SER B 349 -5.88 -24.78 -4.64
CA SER B 349 -6.73 -25.90 -5.03
C SER B 349 -7.74 -26.17 -3.88
N MET B 350 -7.36 -25.82 -2.62
CA MET B 350 -8.21 -26.02 -1.44
C MET B 350 -8.79 -24.73 -0.89
N THR B 351 -8.00 -23.65 -0.85
CA THR B 351 -8.45 -22.42 -0.24
C THR B 351 -9.15 -21.45 -1.19
N GLY B 352 -8.99 -21.64 -2.50
CA GLY B 352 -9.40 -20.65 -3.48
C GLY B 352 -8.36 -19.55 -3.43
N HIS B 353 -8.57 -18.50 -4.23
CA HIS B 353 -7.66 -17.36 -4.32
C HIS B 353 -8.15 -16.29 -3.35
N LEU B 354 -7.36 -16.08 -2.26
CA LEU B 354 -7.71 -15.09 -1.22
C LEU B 354 -7.30 -13.67 -1.58
N LEU B 355 -6.88 -13.45 -2.85
CA LEU B 355 -6.53 -12.12 -3.33
C LEU B 355 -5.48 -11.46 -2.44
N GLY B 356 -5.78 -10.33 -1.82
CA GLY B 356 -4.80 -9.66 -0.96
C GLY B 356 -4.31 -10.47 0.22
N ALA B 357 -5.10 -11.48 0.67
CA ALA B 357 -4.73 -12.36 1.79
C ALA B 357 -4.01 -13.62 1.33
N ALA B 358 -3.97 -13.88 -0.01
CA ALA B 358 -3.34 -15.12 -0.51
C ALA B 358 -1.92 -15.28 -0.04
N GLY B 359 -1.12 -14.23 -0.16
CA GLY B 359 0.29 -14.29 0.25
C GLY B 359 0.47 -14.52 1.74
N GLY B 360 -0.46 -14.02 2.55
CA GLY B 360 -0.41 -14.22 4.00
C GLY B 360 -0.64 -15.65 4.38
N ILE B 361 -1.76 -16.23 3.90
CA ILE B 361 -2.07 -17.64 4.21
CA ILE B 361 -2.06 -17.63 4.23
C ILE B 361 -1.01 -18.56 3.63
N GLU B 362 -0.52 -18.24 2.42
CA GLU B 362 0.49 -19.07 1.77
C GLU B 362 1.85 -18.96 2.44
N ALA B 363 2.18 -17.79 3.04
CA ALA B 363 3.41 -17.70 3.84
C ALA B 363 3.24 -18.61 5.08
N ILE B 364 2.05 -18.62 5.73
CA ILE B 364 1.82 -19.50 6.87
C ILE B 364 1.99 -20.97 6.46
N PHE B 365 1.40 -21.38 5.32
CA PHE B 365 1.55 -22.76 4.89
C PHE B 365 2.99 -23.10 4.55
N SER B 366 3.75 -22.13 3.98
CA SER B 366 5.17 -22.35 3.65
C SER B 366 6.00 -22.53 4.92
N ILE B 367 5.73 -21.69 5.94
CA ILE B 367 6.44 -21.75 7.23
C ILE B 367 6.13 -23.07 7.95
N LEU B 368 4.85 -23.47 7.94
CA LEU B 368 4.45 -24.72 8.59
C LEU B 368 4.97 -25.94 7.86
N ALA B 369 5.10 -25.86 6.52
CA ALA B 369 5.64 -26.98 5.73
C ALA B 369 7.06 -27.26 6.22
N ILE B 370 7.84 -26.21 6.49
CA ILE B 370 9.19 -26.34 7.04
C ILE B 370 9.14 -26.86 8.49
N LYS B 371 8.36 -26.19 9.35
CA LYS B 371 8.33 -26.57 10.77
C LYS B 371 7.87 -28.01 11.01
N GLU B 372 6.83 -28.43 10.29
CA GLU B 372 6.25 -29.78 10.45
C GLU B 372 6.81 -30.84 9.50
N GLY B 373 7.56 -30.42 8.48
CA GLY B 373 8.12 -31.33 7.49
C GLY B 373 7.05 -32.04 6.70
N VAL B 374 6.05 -31.27 6.21
CA VAL B 374 4.93 -31.80 5.44
C VAL B 374 4.64 -30.84 4.30
N ILE B 375 4.58 -31.37 3.06
CA ILE B 375 4.24 -30.56 1.89
C ILE B 375 2.74 -30.75 1.64
N PRO B 376 1.95 -29.66 1.65
CA PRO B 376 0.51 -29.82 1.36
C PRO B 376 0.30 -30.11 -0.14
N PRO B 377 -0.77 -30.86 -0.49
CA PRO B 377 -0.93 -31.23 -1.90
C PRO B 377 -1.64 -30.20 -2.76
N THR B 378 -1.61 -30.43 -4.09
CA THR B 378 -2.49 -29.74 -5.01
C THR B 378 -3.60 -30.77 -5.22
N ILE B 379 -4.83 -30.42 -4.83
CA ILE B 379 -5.95 -31.35 -5.07
C ILE B 379 -6.57 -31.05 -6.42
N ASN B 380 -7.45 -31.97 -6.88
CA ASN B 380 -8.29 -31.83 -8.08
C ASN B 380 -7.62 -31.93 -9.45
N ILE B 381 -6.37 -32.39 -9.52
CA ILE B 381 -5.75 -32.59 -10.84
C ILE B 381 -6.24 -33.96 -11.35
N GLN B 382 -7.17 -33.94 -12.30
CA GLN B 382 -7.72 -35.16 -12.88
C GLN B 382 -7.22 -35.40 -14.31
N THR B 383 -6.92 -34.32 -15.05
CA THR B 383 -6.47 -34.40 -16.43
C THR B 383 -5.11 -33.71 -16.56
N PRO B 384 -4.03 -34.49 -16.78
CA PRO B 384 -2.71 -33.89 -16.92
C PRO B 384 -2.63 -32.97 -18.14
N ASP B 385 -1.96 -31.84 -17.96
CA ASP B 385 -1.73 -30.89 -19.02
C ASP B 385 -0.26 -31.05 -19.44
N GLU B 386 -0.01 -31.32 -20.74
CA GLU B 386 1.35 -31.50 -21.26
C GLU B 386 2.27 -30.31 -20.98
N GLU B 387 1.72 -29.09 -20.88
CA GLU B 387 2.47 -27.86 -20.62
C GLU B 387 2.75 -27.67 -19.11
N CYS B 388 2.01 -28.39 -18.24
CA CYS B 388 2.19 -28.27 -16.79
C CYS B 388 2.61 -29.64 -16.33
N ASP B 389 3.90 -29.93 -16.49
CA ASP B 389 4.45 -31.27 -16.25
C ASP B 389 5.42 -31.41 -15.09
N LEU B 390 5.38 -30.47 -14.14
CA LEU B 390 6.23 -30.57 -12.96
C LEU B 390 5.56 -31.49 -11.93
N ASP B 391 6.18 -31.66 -10.76
CA ASP B 391 5.63 -32.49 -9.68
C ASP B 391 4.78 -31.58 -8.80
N TYR B 392 3.44 -31.65 -8.97
CA TYR B 392 2.50 -30.79 -8.22
C TYR B 392 1.99 -31.37 -6.90
N VAL B 393 2.65 -32.42 -6.40
CA VAL B 393 2.29 -33.11 -5.16
C VAL B 393 0.78 -33.40 -5.23
N PRO B 394 0.31 -34.14 -6.25
CA PRO B 394 -1.13 -34.33 -6.40
C PRO B 394 -1.77 -35.16 -5.30
N ASP B 395 -2.97 -34.70 -4.87
CA ASP B 395 -3.93 -35.40 -4.01
C ASP B 395 -3.57 -35.60 -2.56
N GLU B 396 -2.34 -36.03 -2.28
CA GLU B 396 -1.90 -36.40 -0.95
C GLU B 396 -0.68 -35.61 -0.49
N ALA B 397 -0.69 -35.20 0.79
CA ALA B 397 0.44 -34.51 1.42
C ALA B 397 1.65 -35.44 1.44
N ARG B 398 2.85 -34.85 1.40
CA ARG B 398 4.09 -35.61 1.39
C ARG B 398 4.94 -35.25 2.63
N ARG B 399 5.26 -36.24 3.47
CA ARG B 399 6.09 -35.99 4.65
C ARG B 399 7.53 -35.95 4.19
N GLN B 400 8.21 -34.81 4.39
CA GLN B 400 9.58 -34.60 3.92
C GLN B 400 10.26 -33.53 4.74
N GLU B 401 11.58 -33.72 5.06
CA GLU B 401 12.35 -32.70 5.78
C GLU B 401 12.68 -31.57 4.78
N LEU B 402 12.24 -30.35 5.06
CA LEU B 402 12.47 -29.23 4.16
C LEU B 402 13.43 -28.24 4.76
N ASN B 403 14.35 -27.71 3.93
CA ASN B 403 15.31 -26.69 4.34
C ASN B 403 14.91 -25.31 3.85
N TYR B 404 14.46 -25.20 2.57
CA TYR B 404 14.08 -23.91 1.99
C TYR B 404 12.77 -24.06 1.24
N VAL B 405 11.88 -23.07 1.43
CA VAL B 405 10.61 -23.02 0.73
C VAL B 405 10.51 -21.64 0.08
N LEU B 406 10.01 -21.62 -1.16
CA LEU B 406 9.79 -20.39 -1.92
C LEU B 406 8.29 -20.25 -2.11
N SER B 407 7.75 -19.03 -1.90
CA SER B 407 6.33 -18.78 -2.14
C SER B 407 6.19 -17.67 -3.15
N ASN B 408 5.38 -17.89 -4.23
CA ASN B 408 5.14 -16.83 -5.22
C ASN B 408 3.76 -16.24 -5.12
N SER B 409 3.67 -14.94 -5.47
CA SER B 409 2.40 -14.28 -5.73
C SER B 409 2.61 -13.47 -7.01
N LEU B 410 1.99 -13.89 -8.12
CA LEU B 410 2.17 -13.25 -9.44
C LEU B 410 0.85 -12.57 -9.76
N GLY B 411 0.70 -11.38 -9.18
CA GLY B 411 -0.54 -10.65 -9.19
C GLY B 411 -0.97 -9.96 -10.47
N PHE B 412 -2.29 -9.81 -10.63
CA PHE B 412 -2.88 -9.04 -11.74
C PHE B 412 -2.26 -7.66 -11.70
N GLY B 413 -1.96 -7.11 -12.89
CA GLY B 413 -1.34 -5.79 -12.97
C GLY B 413 0.17 -5.83 -13.04
N GLY B 414 0.72 -7.04 -13.17
CA GLY B 414 2.15 -7.26 -13.32
C GLY B 414 2.98 -7.23 -12.06
N HIS B 415 2.35 -7.40 -10.88
CA HIS B 415 3.04 -7.32 -9.60
C HIS B 415 3.57 -8.69 -9.22
N ASN B 416 4.88 -8.91 -9.34
CA ASN B 416 5.48 -10.22 -9.00
C ASN B 416 6.21 -10.14 -7.69
N ALA B 417 5.85 -11.02 -6.75
CA ALA B 417 6.51 -11.01 -5.44
C ALA B 417 6.85 -12.42 -5.02
N THR B 418 8.06 -12.60 -4.44
CA THR B 418 8.48 -13.92 -4.01
C THR B 418 9.14 -13.82 -2.64
N LEU B 419 8.86 -14.81 -1.76
CA LEU B 419 9.50 -14.92 -0.44
C LEU B 419 10.20 -16.26 -0.35
N ILE B 420 11.32 -16.27 0.35
CA ILE B 420 12.02 -17.51 0.65
C ILE B 420 12.13 -17.65 2.17
N PHE B 421 11.74 -18.82 2.68
CA PHE B 421 11.78 -19.19 4.10
C PHE B 421 12.78 -20.30 4.29
N LYS B 422 13.41 -20.32 5.46
CA LYS B 422 14.44 -21.29 5.76
C LYS B 422 14.18 -21.94 7.11
N LYS B 423 14.55 -23.21 7.24
CA LYS B 423 14.48 -23.90 8.52
C LYS B 423 15.42 -23.17 9.49
N TYR B 424 14.94 -22.95 10.72
CA TYR B 424 15.77 -22.37 11.76
C TYR B 424 16.35 -23.55 12.58
N GLN B 425 17.69 -23.61 12.67
CA GLN B 425 18.54 -24.60 13.35
C GLN B 425 18.00 -25.13 14.68
K K C . 4.76 18.24 4.34
K K D . -15.18 21.21 9.96
K K D . -14.38 20.86 11.04
C1 GOL E . -11.71 9.63 -16.28
O1 GOL E . -12.73 10.44 -15.74
C2 GOL E . -12.30 8.54 -17.14
O2 GOL E . -11.31 8.02 -18.02
C3 GOL E . -12.83 7.41 -16.29
O3 GOL E . -13.85 6.71 -16.99
K K F . 2.21 -18.93 -2.99
CL CL G . -12.55 -17.76 -16.89
C1 GOL H . -14.60 -26.47 7.33
O1 GOL H . -13.84 -25.82 8.35
C2 GOL H . -13.71 -27.02 6.25
O2 GOL H . -12.95 -25.95 5.67
C3 GOL H . -14.47 -27.76 5.18
O3 GOL H . -15.08 -26.86 4.26
C1 GOL I . -9.33 -6.58 -20.84
O1 GOL I . -8.18 -6.75 -21.65
C2 GOL I . -8.96 -6.64 -19.38
O2 GOL I . -7.91 -5.71 -19.12
C3 GOL I . -10.15 -6.29 -18.55
O3 GOL I . -9.85 -6.24 -17.16
C1 GOL J . -0.30 -14.06 -24.47
O1 GOL J . 0.71 -13.52 -25.31
C2 GOL J . -0.40 -13.24 -23.19
O2 GOL J . -1.05 -11.99 -23.48
C3 GOL J . -1.18 -14.01 -22.14
O3 GOL J . -1.22 -13.26 -20.94
C1 GOL K . -19.60 -23.30 -17.82
O1 GOL K . -18.48 -23.37 -16.95
C2 GOL K . -20.89 -23.50 -17.04
O2 GOL K . -21.06 -22.42 -16.12
C3 GOL K . -22.08 -23.54 -17.97
O3 GOL K . -23.24 -23.95 -17.25
#